data_4HAP
#
_entry.id   4HAP
#
_cell.length_a   52.260
_cell.length_b   54.190
_cell.length_c   72.450
_cell.angle_alpha   94.260
_cell.angle_beta   96.020
_cell.angle_gamma   94.990
#
_symmetry.space_group_name_H-M   'P 1'
#
loop_
_entity.id
_entity.type
_entity.pdbx_description
1 polymer 'GH7 family protein'
2 branched beta-D-glucopyranose-(1-4)-beta-D-glucopyranose
3 non-polymer 'CALCIUM ION'
4 non-polymer 2-AMINO-2-HYDROXYMETHYL-PROPANE-1,3-DIOL
5 water water
#
_entity_poly.entity_id   1
_entity_poly.type   'polypeptide(L)'
_entity_poly.pdbx_seq_one_letter_code
;(PCA)QAGTETEEYHLPLTWERDGSSVSASVVIDSNWRWTHSTEDTTNCYDGNEWDSTLCPDADTCTENCAIDGVDQGTW
GDTYGITASGSKLTLSFVTEGEYSTDIGSRVFLMADDDNYEIFNLLDKEFSFDVDASNLPCGLNGALYFVSMDEDGGTSK
YSTNTAGAKYGTGYCDAQCPHDMKFIAGKANSDGWTPSDNDQNAGTGEMGACCHEMDIWEANSQAQSYTAHVCSVDGYTP
CTGTDCGDNGDDRYKGVCDKDGCDYAAYRLGQHDFYGEGGTVDSGSTLTVITQFITGGGGLNEIRRIYQQGGQTIQNAAV
NFPGDVDPYDSITEDFCVDIKRYFGDTNDFDAKGGMSGMSNALKKGMVLVMSLWDDHYANMLWLDATYPVDSTEPGALRG
PCSTDSGDPADVEANFPGSTVTFSNIKIGPIQSYD
;
_entity_poly.pdbx_strand_id   A,B
#
loop_
_chem_comp.id
_chem_comp.type
_chem_comp.name
_chem_comp.formula
BGC D-saccharide, beta linking beta-D-glucopyranose 'C6 H12 O6'
CA non-polymer 'CALCIUM ION' 'Ca 2'
TRS non-polymer 2-AMINO-2-HYDROXYMETHYL-PROPANE-1,3-DIOL 'C4 H12 N O3 1'
#
# COMPACT_ATOMS: atom_id res chain seq x y z
N PCA A 1 34.36 -5.33 16.23
CA PCA A 1 33.90 -6.29 17.22
CB PCA A 1 32.52 -5.82 17.50
CG PCA A 1 32.06 -5.07 16.25
CD PCA A 1 33.40 -4.67 15.63
OE PCA A 1 33.64 -3.86 14.71
C PCA A 1 33.84 -7.72 16.75
O PCA A 1 33.59 -8.00 15.62
N GLN A 2 34.06 -8.63 17.64
CA GLN A 2 33.68 -10.04 17.41
C GLN A 2 32.30 -10.33 18.00
N ALA A 3 31.68 -11.43 17.55
CA ALA A 3 30.35 -11.83 17.97
C ALA A 3 30.42 -12.76 19.14
N GLY A 4 29.51 -12.55 20.06
CA GLY A 4 29.35 -13.37 21.24
C GLY A 4 28.46 -14.50 20.84
N THR A 5 28.33 -15.47 21.77
CA THR A 5 27.57 -16.67 21.53
C THR A 5 26.46 -16.90 22.54
N GLU A 6 26.13 -15.93 23.37
CA GLU A 6 25.05 -16.09 24.37
C GLU A 6 23.67 -16.17 23.76
N THR A 7 23.48 -15.47 22.65
CA THR A 7 22.14 -15.28 22.07
C THR A 7 22.32 -15.43 20.54
N GLU A 8 21.43 -16.18 19.91
CA GLU A 8 21.59 -16.45 18.49
C GLU A 8 21.12 -15.25 17.72
N GLU A 9 21.72 -15.00 16.54
CA GLU A 9 21.31 -13.81 15.78
C GLU A 9 20.19 -14.10 14.79
N TYR A 10 19.09 -13.40 14.91
CA TYR A 10 17.93 -13.58 14.03
C TYR A 10 17.57 -12.22 13.46
N HIS A 11 17.56 -12.11 12.16
CA HIS A 11 17.09 -10.88 11.55
C HIS A 11 15.59 -10.95 11.36
N LEU A 12 14.88 -9.86 11.64
CA LEU A 12 13.46 -9.88 11.56
C LEU A 12 12.98 -9.79 10.09
N PRO A 13 12.20 -10.77 9.60
CA PRO A 13 11.80 -10.69 8.20
C PRO A 13 10.96 -9.48 7.81
N LEU A 14 11.27 -8.93 6.66
CA LEU A 14 10.53 -7.82 6.08
C LEU A 14 10.52 -7.95 4.56
N THR A 15 9.32 -7.79 3.95
CA THR A 15 9.18 -7.81 2.50
CA THR A 15 9.32 -7.77 2.48
C THR A 15 9.26 -6.37 1.96
N TRP A 16 9.86 -6.22 0.80
CA TRP A 16 9.82 -4.94 0.11
C TRP A 16 9.78 -5.15 -1.39
N GLU A 17 9.73 -4.06 -2.14
CA GLU A 17 9.58 -4.23 -3.63
C GLU A 17 10.73 -3.56 -4.39
N ARG A 18 11.39 -4.26 -5.26
CA ARG A 18 12.56 -3.73 -6.04
C ARG A 18 12.30 -3.93 -7.50
N ASP A 19 12.10 -2.84 -8.22
CA ASP A 19 11.92 -2.85 -9.67
C ASP A 19 10.85 -3.87 -10.06
N GLY A 20 9.69 -3.76 -9.45
CA GLY A 20 8.54 -4.51 -9.80
C GLY A 20 8.43 -5.88 -9.13
N SER A 21 9.46 -6.39 -8.42
CA SER A 21 9.37 -7.75 -7.80
C SER A 21 9.52 -7.75 -6.25
N SER A 22 8.82 -8.66 -5.62
CA SER A 22 8.74 -8.78 -4.16
CA SER A 22 8.77 -8.71 -4.17
C SER A 22 10.04 -9.37 -3.69
N VAL A 23 10.63 -8.80 -2.63
CA VAL A 23 11.90 -9.27 -2.10
C VAL A 23 11.65 -9.62 -0.67
N SER A 24 11.96 -10.87 -0.32
CA SER A 24 11.84 -11.37 1.01
C SER A 24 13.17 -11.09 1.75
N ALA A 25 13.24 -9.96 2.46
CA ALA A 25 14.43 -9.52 3.14
C ALA A 25 14.26 -9.56 4.66
N SER A 26 15.04 -8.77 5.40
CA SER A 26 14.94 -8.73 6.83
C SER A 26 15.66 -7.47 7.31
N VAL A 27 15.55 -7.17 8.61
CA VAL A 27 16.25 -6.05 9.21
C VAL A 27 17.13 -6.54 10.32
N VAL A 28 18.17 -5.77 10.64
CA VAL A 28 19.09 -6.07 11.71
C VAL A 28 19.23 -4.88 12.66
N ILE A 29 19.41 -5.14 13.96
CA ILE A 29 19.54 -4.10 14.96
C ILE A 29 21.03 -3.55 14.91
N ASP A 30 21.19 -2.23 14.96
CA ASP A 30 22.49 -1.62 15.00
C ASP A 30 23.26 -2.09 16.25
N SER A 31 24.52 -2.38 16.05
CA SER A 31 25.43 -2.86 17.11
C SER A 31 25.38 -2.00 18.40
N ASN A 32 25.21 -0.72 18.26
CA ASN A 32 25.14 0.13 19.43
C ASN A 32 24.04 -0.20 20.40
N TRP A 33 23.02 -0.90 19.93
CA TRP A 33 21.89 -1.33 20.78
C TRP A 33 22.08 -2.73 21.38
N ARG A 34 23.23 -3.34 21.18
CA ARG A 34 23.47 -4.71 21.61
C ARG A 34 24.23 -4.75 22.93
N TRP A 35 24.23 -5.89 23.59
CA TRP A 35 25.02 -6.15 24.77
C TRP A 35 26.48 -6.40 24.36
N THR A 36 27.41 -5.67 25.01
CA THR A 36 28.83 -5.82 24.77
C THR A 36 29.43 -6.42 26.06
N HIS A 37 29.99 -7.64 25.95
CA HIS A 37 30.48 -8.42 27.11
C HIS A 37 31.74 -9.15 26.83
N SER A 38 32.33 -9.68 27.90
CA SER A 38 33.56 -10.44 27.75
C SER A 38 33.35 -11.66 26.94
N THR A 39 34.37 -12.01 26.18
CA THR A 39 34.32 -13.19 25.33
C THR A 39 34.28 -14.45 26.15
N GLU A 40 34.70 -14.36 27.42
CA GLU A 40 34.84 -15.54 28.29
C GLU A 40 33.57 -15.85 29.02
N ASP A 41 32.73 -14.84 29.29
CA ASP A 41 31.56 -15.02 30.16
C ASP A 41 30.51 -13.92 29.94
N THR A 42 29.78 -13.53 30.96
CA THR A 42 28.67 -12.58 30.86
C THR A 42 29.02 -11.24 31.43
N THR A 43 30.29 -11.05 31.76
CA THR A 43 30.65 -9.75 32.37
C THR A 43 30.50 -8.67 31.31
N ASN A 44 29.84 -7.58 31.67
CA ASN A 44 29.74 -6.42 30.73
C ASN A 44 31.08 -5.76 30.44
N CYS A 45 31.34 -5.50 29.17
CA CYS A 45 32.44 -4.62 28.83
C CYS A 45 31.98 -3.15 28.86
N TYR A 46 30.77 -2.92 28.37
CA TYR A 46 30.10 -1.63 28.37
C TYR A 46 28.99 -1.73 29.44
N ASP A 47 29.14 -0.94 30.50
CA ASP A 47 28.35 -1.12 31.75
C ASP A 47 27.79 0.25 32.11
N GLY A 48 26.50 0.43 31.84
CA GLY A 48 25.84 1.73 32.01
C GLY A 48 26.20 2.62 30.86
N ASN A 49 27.05 3.58 31.08
CA ASN A 49 27.61 4.33 30.04
C ASN A 49 29.09 4.54 30.11
N GLU A 50 29.78 3.57 30.75
CA GLU A 50 31.24 3.53 30.77
C GLU A 50 31.73 2.13 30.48
N TRP A 51 32.95 2.07 29.98
CA TRP A 51 33.58 0.78 29.75
C TRP A 51 34.26 0.26 31.01
N ASP A 52 34.26 -1.05 31.14
CA ASP A 52 34.94 -1.66 32.26
C ASP A 52 36.43 -1.43 32.25
N SER A 53 37.00 -0.82 33.32
CA SER A 53 38.35 -0.38 33.27
C SER A 53 39.35 -1.52 33.27
N THR A 54 38.92 -2.67 33.74
CA THR A 54 39.86 -3.85 33.78
C THR A 54 39.87 -4.58 32.44
N LEU A 55 38.70 -4.88 31.91
CA LEU A 55 38.60 -5.38 30.54
C LEU A 55 39.07 -4.52 29.45
N CYS A 56 38.84 -3.19 29.56
CA CYS A 56 39.04 -2.22 28.49
C CYS A 56 39.97 -1.12 29.01
N PRO A 57 41.25 -1.46 29.28
CA PRO A 57 42.20 -0.45 29.72
C PRO A 57 42.70 0.38 28.54
N ASP A 58 42.57 -0.13 27.34
CA ASP A 58 42.82 0.62 26.11
C ASP A 58 41.99 -0.03 25.02
N ALA A 59 41.86 0.67 23.89
CA ALA A 59 40.95 0.20 22.87
C ALA A 59 41.30 -1.20 22.28
N ASP A 60 42.59 -1.43 22.07
CA ASP A 60 43.02 -2.66 21.44
C ASP A 60 42.75 -3.81 22.40
N THR A 61 42.98 -3.59 23.71
CA THR A 61 42.70 -4.70 24.67
C THR A 61 41.21 -4.93 24.82
N CYS A 62 40.47 -3.82 24.85
CA CYS A 62 39.02 -3.88 24.87
C CYS A 62 38.52 -4.67 23.70
N THR A 63 39.02 -4.38 22.51
CA THR A 63 38.53 -5.06 21.31
C THR A 63 38.81 -6.57 21.35
N GLU A 64 39.98 -6.89 21.91
CA GLU A 64 40.37 -8.29 22.05
C GLU A 64 39.43 -9.03 22.98
N ASN A 65 39.03 -8.37 24.05
CA ASN A 65 38.38 -9.00 25.14
C ASN A 65 36.86 -9.04 25.09
N CYS A 66 36.26 -8.26 24.17
CA CYS A 66 34.80 -7.96 24.29
C CYS A 66 34.13 -8.37 23.00
N ALA A 67 32.86 -8.68 23.13
CA ALA A 67 32.02 -9.23 22.05
C ALA A 67 30.65 -8.58 22.07
N ILE A 68 30.02 -8.48 20.91
CA ILE A 68 28.64 -8.07 20.84
C ILE A 68 27.72 -9.24 20.53
N ASP A 69 26.61 -9.28 21.22
CA ASP A 69 25.79 -10.48 21.18
C ASP A 69 24.60 -10.37 20.29
N GLY A 70 24.03 -11.53 20.03
CA GLY A 70 22.91 -11.61 19.12
C GLY A 70 21.59 -11.09 19.68
N VAL A 71 20.63 -10.94 18.78
CA VAL A 71 19.24 -10.61 19.10
C VAL A 71 18.43 -11.74 18.50
N ASP A 72 17.73 -12.48 19.37
CA ASP A 72 17.03 -13.67 18.83
C ASP A 72 15.57 -13.34 18.56
N GLN A 73 14.80 -14.35 18.12
CA GLN A 73 13.47 -14.06 17.62
C GLN A 73 12.62 -13.35 18.62
N GLY A 74 12.69 -13.75 19.87
CA GLY A 74 11.88 -13.12 20.89
C GLY A 74 12.31 -11.76 21.41
N THR A 75 13.58 -11.42 21.18
CA THR A 75 14.24 -10.24 21.74
C THR A 75 13.75 -9.01 21.01
N TRP A 76 13.43 -9.18 19.72
CA TRP A 76 12.97 -8.05 18.91
C TRP A 76 11.79 -7.33 19.56
N GLY A 77 10.79 -8.11 20.00
CA GLY A 77 9.60 -7.51 20.56
C GLY A 77 9.78 -7.29 22.06
N ASP A 78 10.36 -8.26 22.76
CA ASP A 78 10.49 -8.19 24.22
C ASP A 78 11.40 -7.05 24.75
N THR A 79 12.51 -6.83 24.06
CA THR A 79 13.52 -5.91 24.50
C THR A 79 13.39 -4.60 23.71
N TYR A 80 13.14 -4.68 22.40
CA TYR A 80 13.20 -3.41 21.60
C TYR A 80 11.83 -2.88 21.11
N GLY A 81 10.74 -3.65 21.33
CA GLY A 81 9.41 -3.30 20.92
C GLY A 81 9.28 -3.19 19.42
N ILE A 82 10.04 -4.00 18.73
CA ILE A 82 9.97 -4.02 17.29
C ILE A 82 9.22 -5.20 16.81
N THR A 83 8.33 -4.93 15.84
CA THR A 83 7.53 -5.99 15.17
C THR A 83 7.47 -5.74 13.69
N ALA A 84 7.24 -6.83 12.96
CA ALA A 84 7.09 -6.77 11.52
C ALA A 84 6.10 -7.78 11.07
N SER A 85 5.36 -7.40 10.04
CA SER A 85 4.56 -8.40 9.34
C SER A 85 4.39 -7.98 7.90
N GLY A 86 4.59 -8.91 6.99
CA GLY A 86 4.53 -8.53 5.59
C GLY A 86 5.59 -7.45 5.30
N SER A 87 5.12 -6.34 4.74
CA SER A 87 5.95 -5.23 4.32
CA SER A 87 6.00 -5.26 4.35
C SER A 87 5.94 -4.10 5.35
N LYS A 88 5.43 -4.37 6.55
CA LYS A 88 5.25 -3.37 7.62
CA LYS A 88 5.25 -3.39 7.60
C LYS A 88 6.22 -3.59 8.79
N LEU A 89 6.84 -2.52 9.25
CA LEU A 89 7.74 -2.60 10.37
C LEU A 89 7.38 -1.48 11.35
N THR A 90 7.25 -1.85 12.61
CA THR A 90 6.91 -0.91 13.69
C THR A 90 7.99 -0.84 14.75
N LEU A 91 8.45 0.36 15.03
CA LEU A 91 9.46 0.65 16.03
C LEU A 91 8.82 1.31 17.21
N SER A 92 9.31 1.04 18.39
CA SER A 92 8.82 1.56 19.62
C SER A 92 9.82 2.50 20.27
N PHE A 93 9.30 3.35 21.14
CA PHE A 93 10.14 4.30 21.86
C PHE A 93 10.65 3.72 23.16
N VAL A 94 9.80 3.61 24.19
CA VAL A 94 10.31 3.10 25.45
C VAL A 94 9.76 1.73 25.60
N THR A 95 10.65 0.74 25.72
CA THR A 95 10.22 -0.63 26.06
C THR A 95 10.84 -1.10 27.38
N GLU A 96 10.00 -1.34 28.40
CA GLU A 96 10.47 -1.84 29.67
C GLU A 96 10.49 -3.35 29.61
N GLY A 97 11.68 -3.90 29.74
CA GLY A 97 11.84 -5.33 29.66
C GLY A 97 11.98 -5.83 31.09
N GLU A 98 12.30 -7.11 31.18
CA GLU A 98 12.59 -7.78 32.43
C GLU A 98 13.39 -6.90 33.40
N TYR A 99 14.62 -6.56 32.99
CA TYR A 99 15.61 -5.95 33.90
C TYR A 99 16.15 -4.61 33.43
N SER A 100 15.76 -4.18 32.24
CA SER A 100 16.26 -2.92 31.70
C SER A 100 15.24 -2.34 30.76
N THR A 101 15.50 -1.11 30.40
CA THR A 101 14.67 -0.34 29.53
C THR A 101 15.41 0.11 28.32
N ASP A 102 14.77 -0.05 27.16
CA ASP A 102 15.37 0.34 25.93
C ASP A 102 14.69 1.61 25.46
N ILE A 103 15.45 2.52 24.89
CA ILE A 103 14.89 3.71 24.24
C ILE A 103 15.25 3.70 22.78
N GLY A 104 14.22 3.56 21.98
CA GLY A 104 14.32 3.67 20.53
C GLY A 104 15.09 2.52 19.98
N SER A 105 15.42 2.71 18.69
CA SER A 105 16.11 1.65 17.96
C SER A 105 16.59 2.24 16.69
N ARG A 106 17.48 1.54 16.08
CA ARG A 106 18.02 1.85 14.73
C ARG A 106 18.23 0.51 14.10
N VAL A 107 17.68 0.32 12.89
CA VAL A 107 17.82 -0.94 12.15
C VAL A 107 18.25 -0.67 10.72
N PHE A 108 18.81 -1.72 10.05
CA PHE A 108 19.23 -1.63 8.69
C PHE A 108 18.56 -2.76 7.85
N LEU A 109 18.28 -2.47 6.60
CA LEU A 109 17.72 -3.47 5.69
C LEU A 109 18.82 -4.39 5.16
N MET A 110 18.63 -5.67 5.41
CA MET A 110 19.52 -6.73 4.85
C MET A 110 19.20 -7.24 3.46
N ALA A 111 20.25 -7.62 2.75
CA ALA A 111 20.15 -8.39 1.48
C ALA A 111 20.12 -9.84 1.76
N ASP A 112 20.98 -10.28 2.66
CA ASP A 112 21.02 -11.65 3.06
C ASP A 112 21.53 -11.70 4.49
N ASP A 113 21.92 -12.84 5.01
CA ASP A 113 22.35 -12.87 6.42
C ASP A 113 23.59 -12.01 6.73
N ASP A 114 24.45 -11.78 5.73
CA ASP A 114 25.76 -11.25 5.97
C ASP A 114 26.02 -9.88 5.40
N ASN A 115 25.07 -9.35 4.66
CA ASN A 115 25.27 -8.10 3.90
C ASN A 115 24.07 -7.25 3.90
N TYR A 116 24.30 -5.97 4.04
CA TYR A 116 23.26 -5.01 3.87
C TYR A 116 22.83 -4.92 2.38
N GLU A 117 21.57 -4.58 2.14
CA GLU A 117 21.08 -4.19 0.85
C GLU A 117 21.68 -2.85 0.47
N ILE A 118 22.16 -2.78 -0.74
CA ILE A 118 22.75 -1.58 -1.28
C ILE A 118 21.82 -0.99 -2.33
N PHE A 119 21.46 0.26 -2.09
CA PHE A 119 20.52 1.03 -2.96
C PHE A 119 21.29 2.04 -3.77
N ASN A 120 21.01 2.06 -5.07
CA ASN A 120 21.59 2.98 -6.03
C ASN A 120 20.44 3.85 -6.48
N LEU A 121 20.29 4.98 -5.82
CA LEU A 121 19.10 5.77 -5.90
C LEU A 121 19.10 6.68 -7.10
N LEU A 122 20.20 6.86 -7.77
CA LEU A 122 20.16 7.83 -8.91
C LEU A 122 19.20 7.36 -10.01
N ASP A 123 18.41 8.27 -10.53
CA ASP A 123 17.45 8.00 -11.63
C ASP A 123 16.43 6.97 -11.23
N LYS A 124 16.11 6.94 -9.95
CA LYS A 124 15.08 6.07 -9.39
C LYS A 124 14.13 6.87 -8.56
N GLU A 125 12.98 6.26 -8.27
CA GLU A 125 11.96 6.75 -7.40
C GLU A 125 11.94 5.72 -6.25
N PHE A 126 12.06 6.27 -5.07
CA PHE A 126 12.00 5.55 -3.81
C PHE A 126 10.77 5.99 -3.11
N SER A 127 9.99 5.03 -2.64
CA SER A 127 8.75 5.35 -1.91
C SER A 127 8.47 4.37 -0.78
N PHE A 128 7.72 4.86 0.16
CA PHE A 128 7.23 4.08 1.25
C PHE A 128 6.06 4.76 1.91
N ASP A 129 5.37 4.04 2.77
CA ASP A 129 4.33 4.61 3.61
C ASP A 129 4.80 4.75 5.04
N VAL A 130 4.26 5.75 5.71
CA VAL A 130 4.64 6.00 7.10
C VAL A 130 3.40 6.44 7.86
N ASP A 131 3.29 5.96 9.06
CA ASP A 131 2.35 6.48 10.05
C ASP A 131 3.13 7.12 11.15
N ALA A 132 3.11 8.46 11.20
CA ALA A 132 3.79 9.25 12.19
C ALA A 132 2.82 9.83 13.19
N SER A 133 1.57 9.35 13.14
CA SER A 133 0.57 9.91 14.08
C SER A 133 0.92 9.81 15.53
N ASN A 134 1.65 8.78 15.94
CA ASN A 134 1.98 8.47 17.33
C ASN A 134 3.38 8.91 17.71
N LEU A 135 3.85 9.96 17.04
CA LEU A 135 5.13 10.63 17.40
C LEU A 135 4.88 12.07 17.77
N PRO A 136 4.95 12.37 19.07
CA PRO A 136 4.80 13.77 19.50
C PRO A 136 5.99 14.64 19.22
N CYS A 137 5.87 15.93 19.51
CA CYS A 137 6.99 16.88 19.59
C CYS A 137 8.14 16.25 20.31
N GLY A 138 9.33 16.30 19.71
CA GLY A 138 10.46 15.78 20.42
C GLY A 138 11.02 14.45 19.96
N LEU A 139 10.20 13.76 19.17
CA LEU A 139 10.56 12.42 18.63
CA LEU A 139 10.59 12.44 18.64
C LEU A 139 10.93 12.56 17.17
N ASN A 140 11.70 11.60 16.67
CA ASN A 140 12.02 11.54 15.26
C ASN A 140 11.93 10.09 14.83
N GLY A 141 10.96 9.83 13.96
CA GLY A 141 10.88 8.56 13.26
C GLY A 141 11.46 8.73 11.85
N ALA A 142 12.63 8.13 11.63
CA ALA A 142 13.47 8.55 10.50
C ALA A 142 13.66 7.40 9.57
N LEU A 143 13.68 7.69 8.28
CA LEU A 143 14.05 6.72 7.27
C LEU A 143 15.11 7.46 6.44
N TYR A 144 16.24 6.81 6.24
CA TYR A 144 17.37 7.51 5.60
C TYR A 144 18.35 6.52 5.13
N PHE A 145 19.28 7.04 4.36
CA PHE A 145 20.33 6.26 3.74
C PHE A 145 21.67 6.81 4.16
N VAL A 146 22.62 5.90 4.40
CA VAL A 146 24.02 6.26 4.68
C VAL A 146 25.00 5.45 3.90
N SER A 147 26.18 5.99 3.65
CA SER A 147 27.21 5.32 2.88
C SER A 147 28.05 4.35 3.75
N MET A 148 27.35 3.46 4.43
CA MET A 148 27.99 2.32 5.12
C MET A 148 28.59 1.33 4.10
N ASP A 149 29.52 0.53 4.62
CA ASP A 149 30.01 -0.65 3.88
C ASP A 149 28.98 -1.76 3.79
N GLU A 150 28.85 -2.37 2.64
CA GLU A 150 27.91 -3.46 2.47
C GLU A 150 28.04 -4.60 3.48
N ASP A 151 29.28 -4.93 3.80
CA ASP A 151 29.54 -6.05 4.74
C ASP A 151 29.66 -5.57 6.19
N GLY A 152 29.40 -4.31 6.44
CA GLY A 152 29.52 -3.73 7.77
C GLY A 152 30.89 -3.51 8.29
N GLY A 153 31.90 -3.66 7.43
CA GLY A 153 33.29 -3.48 7.87
C GLY A 153 34.18 -4.70 7.85
N THR A 154 33.65 -5.88 7.66
CA THR A 154 34.49 -7.08 7.90
C THR A 154 35.64 -7.26 6.90
N SER A 155 35.47 -6.81 5.69
CA SER A 155 36.62 -6.93 4.74
C SER A 155 37.72 -5.95 5.03
N LYS A 156 37.43 -4.74 5.49
CA LYS A 156 38.43 -3.72 5.69
C LYS A 156 39.03 -3.72 7.05
N TYR A 157 38.32 -4.27 8.05
CA TYR A 157 38.76 -4.14 9.46
C TYR A 157 38.77 -5.52 10.03
N SER A 158 39.96 -6.10 10.18
CA SER A 158 40.06 -7.52 10.49
C SER A 158 39.60 -7.87 11.88
N THR A 159 39.54 -6.90 12.78
CA THR A 159 38.99 -7.17 14.13
C THR A 159 37.47 -7.09 14.21
N ASN A 160 36.84 -6.74 13.10
CA ASN A 160 35.39 -6.85 12.96
C ASN A 160 35.08 -8.17 12.35
N THR A 161 34.81 -9.16 13.17
CA THR A 161 34.32 -10.42 12.60
C THR A 161 32.81 -10.61 12.70
N ALA A 162 32.15 -9.64 13.28
CA ALA A 162 30.75 -9.74 13.48
C ALA A 162 30.03 -9.23 12.25
N GLY A 163 30.39 -8.04 11.75
CA GLY A 163 29.91 -7.57 10.48
C GLY A 163 28.46 -7.10 10.42
N ALA A 164 27.96 -6.93 9.19
CA ALA A 164 26.57 -6.57 8.90
C ALA A 164 25.57 -7.52 9.57
N LYS A 165 25.92 -8.80 9.70
CA LYS A 165 25.07 -9.73 10.37
C LYS A 165 24.73 -9.28 11.80
N TYR A 166 25.64 -8.56 12.49
CA TYR A 166 25.39 -8.00 13.80
C TYR A 166 25.22 -6.46 13.79
N GLY A 167 24.84 -5.89 12.64
CA GLY A 167 24.54 -4.44 12.59
C GLY A 167 25.72 -3.59 12.78
N THR A 168 26.95 -4.01 12.39
CA THR A 168 28.09 -3.18 12.61
C THR A 168 28.26 -2.12 11.51
N GLY A 169 29.08 -1.16 11.82
CA GLY A 169 29.61 -0.24 10.79
C GLY A 169 28.77 1.02 10.56
N TYR A 170 27.90 1.38 11.48
CA TYR A 170 27.14 2.62 11.28
C TYR A 170 28.07 3.80 11.14
N CYS A 171 27.66 4.74 10.30
CA CYS A 171 28.26 6.01 10.12
C CYS A 171 27.19 6.93 9.60
N ASP A 172 27.35 8.20 9.85
CA ASP A 172 26.46 9.18 9.22
C ASP A 172 27.15 10.56 9.17
N ALA A 173 26.43 11.60 8.71
CA ALA A 173 27.06 12.87 8.46
C ALA A 173 27.35 13.74 9.71
N GLN A 174 26.94 13.20 10.82
CA GLN A 174 27.27 13.79 12.14
C GLN A 174 28.58 13.35 12.71
N CYS A 175 29.25 12.40 12.02
CA CYS A 175 30.46 11.82 12.51
C CYS A 175 30.35 11.47 13.99
N PRO A 176 29.37 10.60 14.34
CA PRO A 176 29.06 10.45 15.75
C PRO A 176 30.13 9.77 16.57
N HIS A 177 30.44 10.32 17.74
CA HIS A 177 31.36 9.72 18.68
C HIS A 177 30.75 8.70 19.63
N ASP A 178 29.42 8.54 19.62
CA ASP A 178 28.72 7.67 20.53
C ASP A 178 28.67 6.23 20.06
N MET A 179 29.28 5.96 18.89
CA MET A 179 29.43 4.59 18.42
C MET A 179 30.45 3.84 19.27
N LYS A 180 30.06 2.69 19.77
CA LYS A 180 30.92 1.85 20.64
C LYS A 180 32.00 1.08 19.91
N PHE A 181 31.72 0.80 18.62
CA PHE A 181 32.72 0.20 17.70
C PHE A 181 32.77 1.03 16.45
N ILE A 182 34.01 1.38 16.06
CA ILE A 182 34.35 2.14 14.90
C ILE A 182 35.59 1.51 14.31
N ALA A 183 35.57 1.24 13.00
CA ALA A 183 36.73 0.70 12.30
C ALA A 183 37.11 -0.62 12.94
N GLY A 184 36.09 -1.33 13.38
CA GLY A 184 36.27 -2.64 13.95
C GLY A 184 36.88 -2.69 15.33
N LYS A 185 37.08 -1.55 15.96
CA LYS A 185 37.66 -1.47 17.23
C LYS A 185 36.72 -0.79 18.21
N ALA A 186 36.79 -1.21 19.49
CA ALA A 186 36.10 -0.56 20.56
C ALA A 186 36.60 0.90 20.58
N ASN A 187 35.63 1.83 20.72
CA ASN A 187 35.89 3.25 20.75
C ASN A 187 36.02 3.73 22.20
N SER A 188 36.77 2.99 23.03
CA SER A 188 36.86 3.15 24.45
C SER A 188 37.93 4.15 24.89
N ASP A 189 38.85 4.54 24.01
CA ASP A 189 39.88 5.50 24.41
C ASP A 189 39.20 6.87 24.52
N GLY A 190 39.56 7.61 25.57
CA GLY A 190 38.98 8.96 25.72
C GLY A 190 37.51 8.98 26.06
N TRP A 191 36.93 7.87 26.47
CA TRP A 191 35.46 7.79 26.64
C TRP A 191 35.02 8.67 27.81
N THR A 192 33.98 9.47 27.55
CA THR A 192 33.28 10.32 28.53
C THR A 192 31.82 9.92 28.52
N PRO A 193 31.26 9.56 29.67
CA PRO A 193 29.85 9.33 29.75
C PRO A 193 29.04 10.57 29.47
N SER A 194 27.89 10.40 28.86
CA SER A 194 26.99 11.56 28.64
C SER A 194 26.44 12.07 30.01
N ASP A 195 26.24 13.38 30.15
CA ASP A 195 25.58 13.93 31.37
C ASP A 195 24.10 13.67 31.44
N ASN A 196 23.46 13.46 30.30
CA ASN A 196 22.01 13.32 30.30
C ASN A 196 21.44 12.12 29.66
N ASP A 197 22.27 11.23 29.13
CA ASP A 197 21.79 9.96 28.64
C ASP A 197 22.53 8.86 29.34
N GLN A 198 21.84 8.12 30.18
CA GLN A 198 22.50 7.16 31.00
C GLN A 198 23.01 5.92 30.24
N ASN A 199 22.66 5.81 28.99
CA ASN A 199 23.19 4.69 28.17
C ASN A 199 24.31 5.10 27.22
N ALA A 200 24.57 6.39 27.10
CA ALA A 200 25.45 6.94 26.08
C ALA A 200 26.73 7.57 26.58
N GLY A 201 27.73 7.60 25.69
CA GLY A 201 28.93 8.33 25.93
C GLY A 201 29.55 8.74 24.60
N THR A 202 30.75 9.22 24.68
CA THR A 202 31.48 9.56 23.48
C THR A 202 32.91 9.18 23.65
N GLY A 203 33.49 8.69 22.57
CA GLY A 203 34.84 8.25 22.48
C GLY A 203 35.64 9.14 21.56
N GLU A 204 36.93 8.92 21.49
CA GLU A 204 37.80 9.73 20.60
C GLU A 204 37.43 9.74 19.16
N MET A 205 37.02 8.58 18.67
CA MET A 205 36.71 8.38 17.28
CA MET A 205 36.75 8.43 17.27
C MET A 205 35.29 8.73 16.98
N GLY A 206 35.07 9.24 15.77
CA GLY A 206 33.73 9.37 15.18
C GLY A 206 33.60 8.50 13.92
N ALA A 207 32.36 8.30 13.43
CA ALA A 207 32.13 7.46 12.26
C ALA A 207 31.41 8.29 11.19
N CYS A 208 32.15 8.77 10.21
CA CYS A 208 31.64 9.75 9.20
C CYS A 208 31.28 9.02 7.95
N CYS A 209 30.20 9.52 7.31
CA CYS A 209 29.92 9.21 5.91
C CYS A 209 28.75 10.03 5.38
N HIS A 210 28.61 10.04 4.07
CA HIS A 210 27.47 10.68 3.39
C HIS A 210 26.13 10.15 3.93
N GLU A 211 25.15 11.01 3.89
CA GLU A 211 23.78 10.70 4.42
C GLU A 211 22.69 11.36 3.62
N MET A 212 21.70 10.61 3.17
CA MET A 212 20.57 11.17 2.46
C MET A 212 19.33 10.91 3.33
N ASP A 213 18.85 11.95 4.03
CA ASP A 213 17.70 11.78 4.90
C ASP A 213 16.44 11.94 4.07
N ILE A 214 15.75 10.87 3.83
CA ILE A 214 14.47 10.88 3.09
C ILE A 214 13.31 11.44 3.95
N TRP A 215 13.35 11.15 5.26
CA TRP A 215 12.19 11.37 6.10
C TRP A 215 12.72 11.50 7.53
N GLU A 216 12.69 12.70 8.05
CA GLU A 216 12.90 12.91 9.47
C GLU A 216 11.65 13.63 9.97
N ALA A 217 10.90 13.01 10.88
CA ALA A 217 9.58 13.54 11.17
C ALA A 217 8.98 13.05 12.42
N ASN A 218 8.06 13.89 12.92
CA ASN A 218 7.10 13.44 13.88
C ASN A 218 5.74 13.95 13.43
N SER A 219 4.74 13.87 14.28
CA SER A 219 3.39 14.29 13.80
C SER A 219 3.29 15.80 13.53
N GLN A 220 4.27 16.57 13.98
CA GLN A 220 4.21 18.02 13.89
C GLN A 220 5.06 18.63 12.79
N ALA A 221 6.09 17.95 12.28
CA ALA A 221 6.98 18.60 11.31
C ALA A 221 7.75 17.49 10.63
N GLN A 222 8.27 17.80 9.44
CA GLN A 222 9.00 16.81 8.64
C GLN A 222 10.02 17.50 7.76
N SER A 223 11.11 16.80 7.48
CA SER A 223 12.15 17.33 6.55
CA SER A 223 12.15 17.34 6.55
C SER A 223 12.77 16.21 5.78
N TYR A 224 13.42 16.58 4.69
CA TYR A 224 14.28 15.73 3.94
C TYR A 224 15.56 16.55 3.63
N THR A 225 16.71 15.89 3.75
CA THR A 225 18.01 16.59 3.80
C THR A 225 19.08 15.72 3.13
N ALA A 226 19.85 16.35 2.24
CA ALA A 226 21.08 15.75 1.71
C ALA A 226 22.33 16.28 2.46
N HIS A 227 23.17 15.39 2.93
CA HIS A 227 24.44 15.66 3.60
C HIS A 227 25.57 15.01 2.78
N VAL A 228 26.48 15.79 2.26
CA VAL A 228 27.67 15.29 1.57
C VAL A 228 28.94 15.45 2.42
N CYS A 229 29.86 14.50 2.32
CA CYS A 229 31.11 14.62 2.99
C CYS A 229 32.20 14.67 1.91
N SER A 230 33.35 15.20 2.33
CA SER A 230 34.51 15.27 1.46
C SER A 230 35.36 14.00 1.42
N VAL A 231 34.95 12.96 2.13
CA VAL A 231 35.62 11.67 2.17
C VAL A 231 34.77 10.60 1.52
N ASP A 232 35.43 9.48 1.22
CA ASP A 232 34.87 8.42 0.42
C ASP A 232 34.33 7.30 1.28
N GLY A 233 33.02 7.34 1.44
CA GLY A 233 32.37 6.30 2.22
C GLY A 233 32.73 6.33 3.70
N TYR A 234 32.62 5.19 4.33
CA TYR A 234 32.83 5.08 5.76
C TYR A 234 34.19 5.50 6.18
N THR A 235 34.27 6.51 7.00
CA THR A 235 35.51 7.14 7.30
C THR A 235 35.62 7.40 8.82
N PRO A 236 36.47 6.67 9.52
CA PRO A 236 36.72 7.05 10.95
C PRO A 236 37.40 8.44 11.03
N CYS A 237 37.09 9.21 12.05
CA CYS A 237 37.68 10.54 12.25
C CYS A 237 38.12 10.64 13.68
N THR A 238 39.14 11.53 13.84
CA THR A 238 39.47 12.07 15.16
C THR A 238 39.65 13.55 15.03
N GLY A 239 39.57 14.20 16.16
CA GLY A 239 39.92 15.61 16.23
C GLY A 239 39.09 16.51 15.37
N THR A 240 39.76 17.50 14.77
CA THR A 240 39.05 18.48 13.91
C THR A 240 38.32 17.84 12.72
N ASP A 241 38.78 16.71 12.26
CA ASP A 241 38.14 16.00 11.17
C ASP A 241 36.68 15.58 11.49
N CYS A 242 36.35 15.42 12.74
CA CYS A 242 35.01 15.04 13.05
C CYS A 242 34.02 16.21 12.97
N GLY A 243 34.55 17.44 12.99
CA GLY A 243 33.73 18.63 12.97
C GLY A 243 32.75 18.70 14.05
N ASP A 244 33.23 18.50 15.28
CA ASP A 244 32.37 18.43 16.42
C ASP A 244 31.52 19.68 16.64
N ASN A 245 30.34 19.40 17.20
CA ASN A 245 29.41 20.46 17.58
C ASN A 245 30.23 21.52 18.27
N GLY A 246 29.84 22.76 18.01
CA GLY A 246 30.53 23.92 18.54
C GLY A 246 31.41 24.58 17.50
N ASP A 247 32.58 25.04 17.93
CA ASP A 247 33.50 25.80 17.07
C ASP A 247 34.04 25.05 15.88
N ASP A 248 34.01 23.71 16.00
CA ASP A 248 34.53 22.87 14.93
C ASP A 248 33.44 22.45 13.91
N ARG A 249 32.19 22.90 14.06
CA ARG A 249 31.06 22.32 13.30
C ARG A 249 31.33 22.29 11.80
N TYR A 250 31.93 23.37 11.31
CA TYR A 250 32.12 23.53 9.88
C TYR A 250 33.51 23.18 9.42
N LYS A 251 34.32 22.53 10.31
CA LYS A 251 35.69 22.33 10.05
C LYS A 251 36.11 20.86 9.78
N GLY A 252 35.10 20.00 9.80
CA GLY A 252 35.35 18.57 9.58
C GLY A 252 35.13 18.17 8.15
N VAL A 253 35.05 16.88 7.97
CA VAL A 253 34.94 16.28 6.65
C VAL A 253 33.49 16.06 6.24
N CYS A 254 32.52 16.22 7.15
CA CYS A 254 31.08 16.09 6.76
C CYS A 254 30.22 17.33 6.96
N ASP A 255 29.20 17.52 6.12
CA ASP A 255 28.26 18.63 6.24
C ASP A 255 27.21 18.18 7.31
N LYS A 256 27.32 18.65 8.55
CA LYS A 256 26.35 18.26 9.57
C LYS A 256 24.94 18.84 9.34
N ASP A 257 24.86 20.10 8.87
CA ASP A 257 23.57 20.73 8.73
C ASP A 257 22.82 20.06 7.56
N GLY A 258 23.51 19.82 6.43
CA GLY A 258 22.87 19.33 5.23
C GLY A 258 22.21 20.44 4.46
N CYS A 259 21.86 20.14 3.22
CA CYS A 259 20.89 20.97 2.48
C CYS A 259 19.50 20.39 2.76
N ASP A 260 18.79 21.05 3.66
CA ASP A 260 17.53 20.58 4.20
C ASP A 260 16.34 21.23 3.46
N TYR A 261 15.30 20.45 3.24
CA TYR A 261 14.02 20.92 2.66
C TYR A 261 13.00 20.56 3.74
N ALA A 262 12.61 21.53 4.58
CA ALA A 262 11.68 21.35 5.67
C ALA A 262 10.54 22.34 5.43
N ALA A 263 9.38 21.84 4.99
CA ALA A 263 8.26 22.74 4.52
C ALA A 263 7.87 23.80 5.50
N TYR A 264 7.82 23.46 6.80
CA TYR A 264 7.35 24.41 7.74
C TYR A 264 8.37 25.54 7.84
N ARG A 265 9.65 25.18 7.99
CA ARG A 265 10.75 26.14 7.97
C ARG A 265 10.78 27.06 6.75
N LEU A 266 10.25 26.54 5.63
CA LEU A 266 10.30 27.27 4.35
C LEU A 266 9.03 28.07 4.14
N GLY A 267 8.24 28.17 5.19
CA GLY A 267 7.12 29.06 5.20
C GLY A 267 5.81 28.47 4.81
N GLN A 268 5.69 27.17 4.92
CA GLN A 268 4.45 26.43 4.58
C GLN A 268 3.97 25.71 5.81
N HIS A 269 3.30 26.45 6.67
CA HIS A 269 3.00 25.94 8.01
C HIS A 269 1.87 24.93 8.06
N ASP A 270 0.90 25.03 7.15
CA ASP A 270 -0.23 24.08 7.12
C ASP A 270 -0.13 22.94 6.15
N PHE A 271 1.06 22.77 5.53
CA PHE A 271 1.23 21.75 4.57
C PHE A 271 1.19 20.36 5.17
N TYR A 272 1.93 20.17 6.27
CA TYR A 272 2.02 18.87 7.00
C TYR A 272 1.77 19.10 8.49
N GLY A 273 1.00 18.19 9.07
CA GLY A 273 0.65 18.22 10.45
C GLY A 273 -0.71 17.67 10.73
N GLU A 274 -1.19 17.98 11.94
CA GLU A 274 -2.51 17.51 12.30
C GLU A 274 -3.53 18.25 11.46
N GLY A 275 -4.27 17.50 10.67
CA GLY A 275 -5.22 18.15 9.77
C GLY A 275 -4.59 18.95 8.66
N GLY A 276 -3.31 18.68 8.35
CA GLY A 276 -2.62 19.41 7.27
C GLY A 276 -3.07 18.95 5.89
N THR A 277 -2.56 19.61 4.85
CA THR A 277 -2.78 19.20 3.46
C THR A 277 -2.35 17.75 3.37
N VAL A 278 -1.20 17.45 4.01
CA VAL A 278 -0.77 16.09 4.30
C VAL A 278 -1.02 15.95 5.76
N ASP A 279 -1.88 15.00 6.12
CA ASP A 279 -2.39 14.88 7.46
C ASP A 279 -1.58 13.86 8.21
N SER A 280 -0.85 14.29 9.21
CA SER A 280 -0.01 13.35 9.94
C SER A 280 -0.81 12.38 10.81
N GLY A 281 -2.13 12.58 10.88
CA GLY A 281 -2.96 11.67 11.71
C GLY A 281 -3.20 10.31 11.07
N SER A 282 -2.82 10.14 9.80
CA SER A 282 -3.08 8.91 9.05
C SER A 282 -1.85 8.53 8.23
N THR A 283 -1.78 7.26 7.80
CA THR A 283 -0.73 6.85 6.95
C THR A 283 -0.63 7.75 5.73
N LEU A 284 0.60 8.00 5.29
CA LEU A 284 0.88 8.70 4.08
C LEU A 284 2.01 8.00 3.32
N THR A 285 2.02 8.30 2.00
CA THR A 285 2.99 7.79 1.06
C THR A 285 3.92 8.90 0.70
N VAL A 286 5.20 8.61 0.89
CA VAL A 286 6.31 9.58 0.68
C VAL A 286 7.09 9.07 -0.54
N ILE A 287 7.10 9.88 -1.59
CA ILE A 287 7.74 9.51 -2.86
C ILE A 287 8.91 10.49 -3.07
N THR A 288 10.07 9.96 -3.39
CA THR A 288 11.22 10.77 -3.57
C THR A 288 11.88 10.35 -4.90
N GLN A 289 12.15 11.37 -5.73
CA GLN A 289 12.76 11.11 -7.08
C GLN A 289 14.12 11.76 -7.20
N PHE A 290 15.11 10.97 -7.58
CA PHE A 290 16.51 11.38 -7.76
C PHE A 290 16.80 11.66 -9.19
N ILE A 291 16.54 12.87 -9.60
CA ILE A 291 16.60 13.20 -11.02
C ILE A 291 17.99 13.57 -11.47
N THR A 292 18.36 12.99 -12.61
CA THR A 292 19.67 13.22 -13.19
C THR A 292 19.64 14.03 -14.47
N GLY A 293 20.78 14.71 -14.72
CA GLY A 293 21.12 15.22 -16.02
C GLY A 293 22.55 14.91 -16.35
N GLY A 294 22.75 14.41 -17.57
CA GLY A 294 24.04 13.90 -17.92
C GLY A 294 24.61 12.89 -16.93
N GLY A 295 23.75 12.04 -16.37
CA GLY A 295 24.19 10.99 -15.46
C GLY A 295 24.47 11.43 -14.03
N GLY A 296 24.35 12.72 -13.75
CA GLY A 296 24.63 13.30 -12.43
C GLY A 296 23.35 13.84 -11.79
N LEU A 297 23.21 13.67 -10.49
CA LEU A 297 22.02 14.19 -9.79
C LEU A 297 21.91 15.70 -9.92
N ASN A 298 20.71 16.22 -10.25
CA ASN A 298 20.50 17.64 -10.28
C ASN A 298 19.27 18.09 -9.50
N GLU A 299 18.51 17.17 -8.97
CA GLU A 299 17.27 17.56 -8.27
C GLU A 299 16.76 16.38 -7.48
N ILE A 300 16.28 16.62 -6.25
CA ILE A 300 15.64 15.58 -5.42
C ILE A 300 14.22 16.10 -5.22
N ARG A 301 13.27 15.46 -5.88
CA ARG A 301 11.88 15.89 -5.85
C ARG A 301 11.13 15.02 -4.88
N ARG A 302 10.06 15.57 -4.37
CA ARG A 302 9.17 14.98 -3.37
C ARG A 302 7.74 15.08 -3.85
N ILE A 303 7.04 13.97 -3.79
CA ILE A 303 5.60 13.94 -4.02
C ILE A 303 4.98 13.17 -2.80
N TYR A 304 3.77 13.56 -2.40
CA TYR A 304 3.04 12.80 -1.40
C TYR A 304 1.74 12.21 -1.97
N GLN A 305 1.34 11.06 -1.42
CA GLN A 305 -0.02 10.53 -1.72
C GLN A 305 -0.67 10.20 -0.43
N GLN A 306 -1.96 10.49 -0.36
CA GLN A 306 -2.70 10.17 0.85
C GLN A 306 -4.17 10.17 0.45
N GLY A 307 -4.84 9.16 0.91
CA GLY A 307 -6.24 8.95 0.54
C GLY A 307 -6.58 9.11 -0.92
N GLY A 308 -5.69 8.58 -1.75
CA GLY A 308 -5.85 8.68 -3.17
C GLY A 308 -5.56 10.02 -3.82
N GLN A 309 -5.13 11.02 -3.07
CA GLN A 309 -4.80 12.30 -3.60
C GLN A 309 -3.27 12.32 -3.90
N THR A 310 -2.90 12.95 -4.95
CA THR A 310 -1.51 13.25 -5.25
C THR A 310 -1.24 14.69 -4.87
N ILE A 311 -0.23 14.89 -4.00
CA ILE A 311 0.00 16.18 -3.36
C ILE A 311 1.44 16.55 -3.70
N GLN A 312 1.58 17.59 -4.51
CA GLN A 312 2.93 18.08 -4.87
C GLN A 312 3.56 18.72 -3.65
N ASN A 313 4.88 18.76 -3.68
CA ASN A 313 5.63 19.31 -2.56
C ASN A 313 5.31 20.79 -2.44
N ALA A 314 5.21 21.28 -1.22
CA ALA A 314 4.99 22.67 -0.99
C ALA A 314 6.23 23.51 -1.28
N ALA A 315 6.04 24.59 -2.00
CA ALA A 315 7.14 25.42 -2.49
C ALA A 315 7.58 26.43 -1.39
N VAL A 316 8.84 26.83 -1.47
CA VAL A 316 9.39 27.90 -0.62
C VAL A 316 8.50 29.14 -0.74
N ASN A 317 8.13 29.64 0.42
CA ASN A 317 7.21 30.81 0.59
C ASN A 317 7.79 31.98 1.37
N PHE A 318 8.68 32.72 0.70
CA PHE A 318 9.26 34.00 1.17
C PHE A 318 9.19 34.91 -0.05
N PRO A 319 7.95 35.33 -0.38
CA PRO A 319 7.75 36.15 -1.59
C PRO A 319 8.70 37.38 -1.67
N GLY A 320 9.38 37.51 -2.80
CA GLY A 320 10.32 38.59 -3.02
C GLY A 320 11.67 38.39 -2.39
N ASP A 321 11.84 37.37 -1.52
CA ASP A 321 13.12 37.13 -0.86
C ASP A 321 13.84 35.88 -1.44
N VAL A 322 13.07 34.82 -1.68
CA VAL A 322 13.60 33.60 -2.22
C VAL A 322 12.61 33.13 -3.29
N ASP A 323 13.15 32.61 -4.37
CA ASP A 323 12.28 32.00 -5.39
C ASP A 323 11.48 30.79 -4.86
N PRO A 324 10.35 30.47 -5.49
CA PRO A 324 9.47 29.37 -5.04
C PRO A 324 9.99 28.00 -5.53
N TYR A 325 11.19 27.66 -5.11
CA TYR A 325 11.71 26.32 -5.33
C TYR A 325 10.79 25.32 -4.65
N ASP A 326 10.78 24.09 -5.14
CA ASP A 326 9.90 23.09 -4.55
C ASP A 326 10.58 21.74 -4.41
N SER A 327 11.92 21.78 -4.49
CA SER A 327 12.76 20.58 -4.48
C SER A 327 14.19 20.95 -4.09
N ILE A 328 15.00 19.98 -3.79
CA ILE A 328 16.42 20.25 -3.48
C ILE A 328 17.15 20.32 -4.82
N THR A 329 17.75 21.49 -5.06
CA THR A 329 18.64 21.74 -6.23
C THR A 329 19.78 22.56 -5.74
N GLU A 330 20.85 22.67 -6.51
CA GLU A 330 21.98 23.53 -6.17
CA GLU A 330 21.97 23.49 -6.08
C GLU A 330 21.58 24.94 -5.88
N ASP A 331 20.72 25.50 -6.74
CA ASP A 331 20.33 26.92 -6.56
C ASP A 331 19.47 27.11 -5.33
N PHE A 332 18.59 26.16 -5.04
CA PHE A 332 17.82 26.22 -3.81
C PHE A 332 18.77 26.31 -2.57
N CYS A 333 19.76 25.45 -2.58
CA CYS A 333 20.61 25.26 -1.45
C CYS A 333 21.33 26.60 -1.20
N VAL A 334 21.83 27.18 -2.31
CA VAL A 334 22.61 28.39 -2.23
C VAL A 334 21.72 29.51 -1.76
N ASP A 335 20.57 29.63 -2.37
CA ASP A 335 19.67 30.77 -2.09
C ASP A 335 19.10 30.70 -0.70
N ILE A 336 18.65 29.52 -0.26
CA ILE A 336 18.02 29.42 1.02
C ILE A 336 19.06 29.60 2.16
N LYS A 337 20.28 29.11 1.97
CA LYS A 337 21.29 29.24 2.96
C LYS A 337 21.71 30.71 3.13
N ARG A 338 21.75 31.42 2.01
CA ARG A 338 22.01 32.86 2.10
C ARG A 338 20.92 33.59 2.90
N TYR A 339 19.65 33.29 2.60
CA TYR A 339 18.52 33.95 3.26
C TYR A 339 18.49 33.63 4.73
N PHE A 340 18.84 32.38 5.13
CA PHE A 340 18.83 31.91 6.50
C PHE A 340 20.10 32.18 7.28
N GLY A 341 21.08 32.75 6.61
CA GLY A 341 22.41 32.98 7.15
C GLY A 341 23.16 31.77 7.61
N ASP A 342 22.89 30.65 6.93
CA ASP A 342 23.51 29.35 7.24
C ASP A 342 24.78 29.19 6.35
N THR A 343 25.87 28.76 6.94
CA THR A 343 27.10 28.46 6.21
C THR A 343 26.78 27.34 5.21
N ASN A 344 27.21 27.52 3.96
CA ASN A 344 26.93 26.53 2.96
C ASN A 344 28.07 25.49 2.93
N ASP A 345 28.06 24.67 3.95
CA ASP A 345 28.94 23.53 4.09
C ASP A 345 28.61 22.39 3.09
N PHE A 346 27.38 22.35 2.58
CA PHE A 346 26.98 21.41 1.59
C PHE A 346 27.82 21.62 0.35
N ASP A 347 27.88 22.87 -0.10
CA ASP A 347 28.73 23.10 -1.27
CA ASP A 347 28.75 23.25 -1.23
C ASP A 347 30.24 22.95 -0.94
N ALA A 348 30.66 23.32 0.26
CA ALA A 348 32.06 23.21 0.69
C ALA A 348 32.56 21.79 0.57
N LYS A 349 31.66 20.84 0.87
CA LYS A 349 32.01 19.39 0.92
C LYS A 349 31.79 18.70 -0.41
N GLY A 350 31.35 19.43 -1.44
CA GLY A 350 31.15 18.90 -2.76
C GLY A 350 29.85 19.15 -3.45
N GLY A 351 28.81 19.59 -2.71
CA GLY A 351 27.56 20.00 -3.31
C GLY A 351 26.84 18.88 -4.06
N MET A 352 26.01 19.23 -5.04
CA MET A 352 25.21 18.26 -5.72
C MET A 352 26.02 17.22 -6.44
N SER A 353 27.11 17.63 -7.07
CA SER A 353 27.99 16.64 -7.68
C SER A 353 28.61 15.60 -6.72
N GLY A 354 29.07 16.10 -5.61
CA GLY A 354 29.50 15.30 -4.48
C GLY A 354 28.44 14.30 -4.05
N MET A 355 27.22 14.80 -3.85
CA MET A 355 26.13 13.96 -3.42
C MET A 355 25.88 12.93 -4.47
N SER A 356 25.84 13.38 -5.71
CA SER A 356 25.62 12.45 -6.79
C SER A 356 26.59 11.26 -6.74
N ASN A 357 27.90 11.57 -6.64
CA ASN A 357 28.90 10.51 -6.57
C ASN A 357 28.68 9.62 -5.37
N ALA A 358 28.25 10.20 -4.26
CA ALA A 358 27.88 9.33 -3.11
C ALA A 358 26.75 8.38 -3.41
N LEU A 359 25.72 8.87 -4.09
CA LEU A 359 24.57 8.01 -4.40
C LEU A 359 24.99 6.94 -5.38
N LYS A 360 25.89 7.28 -6.32
CA LYS A 360 26.34 6.31 -7.35
C LYS A 360 27.04 5.09 -6.71
N LYS A 361 27.72 5.32 -5.57
CA LYS A 361 28.47 4.27 -4.89
C LYS A 361 27.60 3.38 -4.01
N GLY A 362 26.35 3.76 -3.81
CA GLY A 362 25.39 2.93 -3.12
C GLY A 362 25.31 3.19 -1.62
N MET A 363 24.09 3.10 -1.12
CA MET A 363 23.83 3.41 0.27
C MET A 363 22.99 2.29 0.95
N VAL A 364 23.08 2.27 2.26
CA VAL A 364 22.28 1.37 3.15
C VAL A 364 21.07 2.11 3.67
N LEU A 365 19.96 1.38 3.77
CA LEU A 365 18.74 1.91 4.27
C LEU A 365 18.64 1.72 5.78
N VAL A 366 18.29 2.81 6.47
CA VAL A 366 18.24 2.92 7.90
C VAL A 366 16.83 3.31 8.26
N MET A 367 16.29 2.68 9.25
CA MET A 367 15.05 3.17 9.91
C MET A 367 15.32 3.30 11.42
N SER A 368 14.87 4.39 12.03
CA SER A 368 15.16 4.58 13.44
CA SER A 368 15.23 4.64 13.43
C SER A 368 14.08 5.38 14.14
N LEU A 369 14.09 5.34 15.44
CA LEU A 369 13.17 6.12 16.27
C LEU A 369 14.02 6.59 17.46
N TRP A 370 14.17 7.88 17.61
CA TRP A 370 15.04 8.44 18.66
C TRP A 370 14.51 9.76 19.15
N ASP A 371 15.02 10.14 20.35
CA ASP A 371 14.97 11.50 20.88
C ASP A 371 16.35 12.13 20.85
N ASP A 372 16.39 13.42 21.17
CA ASP A 372 17.51 14.26 20.91
C ASP A 372 18.09 14.85 22.17
N HIS A 373 19.18 14.26 22.66
CA HIS A 373 19.77 14.72 23.90
C HIS A 373 20.61 15.97 23.71
N TYR A 374 20.96 16.32 22.49
CA TYR A 374 21.72 17.51 22.20
C TYR A 374 20.83 18.80 22.13
N ALA A 375 19.78 18.73 21.32
CA ALA A 375 18.97 19.88 20.96
C ALA A 375 17.47 19.71 21.03
N ASN A 376 17.03 18.63 21.68
CA ASN A 376 15.65 18.37 21.98
C ASN A 376 14.70 18.42 20.73
N MET A 377 15.29 18.10 19.57
CA MET A 377 14.56 18.01 18.30
C MET A 377 14.01 19.39 17.91
N LEU A 378 14.55 20.45 18.52
CA LEU A 378 13.95 21.79 18.25
C LEU A 378 14.20 22.30 16.88
N TRP A 379 15.31 21.80 16.30
CA TRP A 379 15.72 22.14 14.94
C TRP A 379 14.71 21.60 13.92
N LEU A 380 13.97 20.57 14.33
CA LEU A 380 12.95 19.94 13.49
C LEU A 380 11.59 20.55 13.65
N ASP A 381 11.17 20.79 14.91
CA ASP A 381 9.81 21.03 15.15
C ASP A 381 9.43 22.25 15.97
N ALA A 382 10.39 23.10 16.30
CA ALA A 382 10.08 24.22 17.19
C ALA A 382 10.74 25.50 16.65
N THR A 383 11.50 26.24 17.46
CA THR A 383 12.32 27.37 17.01
C THR A 383 13.74 27.05 17.48
N TYR A 384 14.74 27.33 16.64
CA TYR A 384 16.09 26.96 16.92
C TYR A 384 16.98 27.88 16.13
N PRO A 385 17.93 28.54 16.81
CA PRO A 385 18.08 28.60 18.28
C PRO A 385 16.88 29.22 18.96
N VAL A 386 16.62 28.82 20.19
CA VAL A 386 15.35 29.05 20.85
C VAL A 386 14.92 30.50 20.95
N ASP A 387 15.91 31.37 21.10
CA ASP A 387 15.63 32.81 21.21
C ASP A 387 15.85 33.59 19.92
N SER A 388 16.02 32.90 18.80
CA SER A 388 16.31 33.57 17.55
C SER A 388 15.03 33.96 16.89
N THR A 389 15.04 35.20 16.35
CA THR A 389 13.85 35.79 15.67
C THR A 389 14.04 36.10 14.17
N GLU A 390 15.15 35.67 13.61
CA GLU A 390 15.45 35.97 12.22
C GLU A 390 14.92 34.86 11.28
N PRO A 391 14.88 35.15 9.98
CA PRO A 391 14.47 34.06 9.03
C PRO A 391 15.25 32.71 9.20
N GLY A 392 14.47 31.63 9.20
CA GLY A 392 15.02 30.29 9.30
C GLY A 392 15.02 29.75 10.71
N ALA A 393 14.82 30.58 11.72
CA ALA A 393 14.74 30.09 13.09
C ALA A 393 13.52 29.23 13.37
N LEU A 394 12.39 29.66 12.84
CA LEU A 394 11.12 29.01 13.10
C LEU A 394 11.08 27.73 12.26
N ARG A 395 10.85 26.63 12.94
CA ARG A 395 10.97 25.30 12.32
C ARG A 395 9.63 24.54 12.31
N GLY A 396 8.81 24.72 13.33
CA GLY A 396 7.57 23.98 13.51
C GLY A 396 6.75 24.57 14.59
N PRO A 397 5.67 23.90 14.91
CA PRO A 397 4.64 24.49 15.80
C PRO A 397 4.90 24.23 17.30
N CYS A 398 5.86 23.39 17.62
CA CYS A 398 6.14 22.99 19.00
C CYS A 398 6.78 24.11 19.82
N SER A 399 6.59 23.99 21.14
CA SER A 399 7.18 24.87 22.14
C SER A 399 8.73 24.67 22.19
N THR A 400 9.43 25.75 22.47
CA THR A 400 10.85 25.70 22.73
C THR A 400 11.19 24.98 24.05
N ASP A 401 10.16 24.68 24.84
CA ASP A 401 10.32 23.89 26.02
C ASP A 401 10.05 22.42 25.76
N SER A 402 9.72 22.05 24.53
CA SER A 402 9.37 20.65 24.21
C SER A 402 10.62 19.80 23.96
N GLY A 403 10.39 18.50 23.91
CA GLY A 403 11.44 17.63 23.48
C GLY A 403 12.57 17.24 24.42
N ASP A 404 12.52 17.60 25.69
CA ASP A 404 13.56 17.14 26.60
C ASP A 404 13.39 15.64 26.76
N PRO A 405 14.44 14.86 26.46
CA PRO A 405 14.30 13.38 26.54
C PRO A 405 13.78 12.88 27.86
N ALA A 406 14.20 13.47 28.98
CA ALA A 406 13.59 13.06 30.24
C ALA A 406 12.07 13.28 30.26
N ASP A 407 11.58 14.37 29.67
CA ASP A 407 10.16 14.61 29.60
C ASP A 407 9.43 13.66 28.68
N VAL A 408 9.92 13.52 27.44
CA VAL A 408 9.16 12.71 26.47
C VAL A 408 9.23 11.22 26.83
N GLU A 409 10.32 10.79 27.39
CA GLU A 409 10.49 9.36 27.79
C GLU A 409 9.48 9.07 28.88
N ALA A 410 9.28 10.01 29.82
CA ALA A 410 8.25 9.86 30.85
C ALA A 410 6.82 9.98 30.37
N ASN A 411 6.55 10.95 29.50
CA ASN A 411 5.19 11.34 29.12
C ASN A 411 4.58 10.59 27.97
N PHE A 412 5.42 10.19 27.03
CA PHE A 412 4.92 9.50 25.85
C PHE A 412 5.77 8.24 25.56
N PRO A 413 5.96 7.36 26.57
CA PRO A 413 6.73 6.15 26.32
C PRO A 413 6.18 5.22 25.27
N GLY A 414 4.88 5.29 25.00
CA GLY A 414 4.22 4.39 24.06
C GLY A 414 4.28 4.83 22.59
N SER A 415 5.00 5.91 22.31
CA SER A 415 5.14 6.44 20.95
C SER A 415 5.73 5.36 20.02
N THR A 416 5.30 5.38 18.79
CA THR A 416 5.76 4.39 17.83
C THR A 416 5.75 5.04 16.47
N VAL A 417 6.45 4.41 15.54
CA VAL A 417 6.36 4.74 14.10
C VAL A 417 6.19 3.41 13.34
N THR A 418 5.43 3.45 12.26
CA THR A 418 5.26 2.34 11.39
C THR A 418 5.67 2.74 9.97
N PHE A 419 6.59 1.96 9.40
CA PHE A 419 7.06 2.11 8.02
C PHE A 419 6.57 0.92 7.22
N SER A 420 6.13 1.14 6.00
CA SER A 420 5.68 -0.02 5.24
C SER A 420 5.86 0.19 3.74
N ASN A 421 5.72 -0.90 2.99
CA ASN A 421 5.67 -0.84 1.53
C ASN A 421 6.86 -0.10 0.92
N ILE A 422 8.03 -0.42 1.43
CA ILE A 422 9.27 0.08 0.82
C ILE A 422 9.40 -0.35 -0.65
N LYS A 423 9.73 0.59 -1.51
CA LYS A 423 9.76 0.35 -2.93
C LYS A 423 10.75 1.19 -3.62
N ILE A 424 11.47 0.57 -4.55
CA ILE A 424 12.32 1.32 -5.47
C ILE A 424 11.95 0.89 -6.89
N GLY A 425 11.99 1.84 -7.82
CA GLY A 425 11.62 1.56 -9.23
C GLY A 425 11.92 2.76 -10.07
N PRO A 426 11.45 2.77 -11.34
CA PRO A 426 11.73 3.88 -12.23
C PRO A 426 10.95 5.10 -11.79
N ILE A 427 11.44 6.28 -12.18
CA ILE A 427 10.74 7.49 -11.91
C ILE A 427 9.43 7.55 -12.65
N GLN A 428 8.35 7.75 -11.89
CA GLN A 428 6.97 7.74 -12.45
C GLN A 428 6.46 9.15 -12.64
N SER A 429 5.45 9.29 -13.53
CA SER A 429 4.80 10.56 -13.75
C SER A 429 3.60 10.69 -12.77
N TYR A 430 3.42 11.87 -12.22
CA TYR A 430 2.36 12.12 -11.25
C TYR A 430 1.63 13.37 -11.69
N ASP A 431 0.41 13.21 -12.23
CA ASP A 431 -0.36 14.34 -12.80
C ASP A 431 -0.91 15.27 -11.70
N PCA B 1 -30.75 0.29 5.04
CA PCA B 1 -29.96 0.66 6.22
CB PCA B 1 -28.57 0.13 5.79
CG PCA B 1 -28.58 0.14 4.26
CD PCA B 1 -30.01 0.03 3.96
OE PCA B 1 -30.49 -0.31 2.87
C PCA B 1 -29.87 2.14 6.46
O PCA B 1 -29.84 2.92 5.52
N GLN B 2 -29.77 2.47 7.72
CA GLN B 2 -29.29 3.80 8.09
C GLN B 2 -27.79 3.87 8.26
N ALA B 3 -27.24 5.09 8.19
CA ALA B 3 -25.82 5.28 8.38
C ALA B 3 -25.43 5.51 9.86
N GLY B 4 -24.30 4.95 10.27
CA GLY B 4 -23.72 5.23 11.56
C GLY B 4 -22.92 6.50 11.50
N THR B 5 -22.52 6.92 12.68
CA THR B 5 -21.90 8.25 12.82
C THR B 5 -20.57 8.07 13.49
N GLU B 6 -20.00 6.87 13.60
CA GLU B 6 -18.70 6.72 14.25
C GLU B 6 -17.58 7.21 13.35
N THR B 7 -17.75 7.01 12.03
CA THR B 7 -16.74 7.46 11.07
C THR B 7 -17.33 8.13 9.88
N GLU B 8 -16.89 9.38 9.55
CA GLU B 8 -17.30 10.01 8.31
C GLU B 8 -16.82 9.16 7.08
N GLU B 9 -17.69 9.05 6.10
CA GLU B 9 -17.46 8.30 4.88
C GLU B 9 -16.51 9.09 3.98
N TYR B 10 -15.57 8.38 3.41
CA TYR B 10 -14.65 9.01 2.45
C TYR B 10 -14.68 8.16 1.22
N HIS B 11 -14.94 8.78 0.09
CA HIS B 11 -14.85 8.13 -1.17
C HIS B 11 -13.51 8.33 -1.80
N LEU B 12 -12.93 7.24 -2.24
CA LEU B 12 -11.54 7.26 -2.76
C LEU B 12 -11.48 7.82 -4.15
N PRO B 13 -10.71 8.93 -4.34
CA PRO B 13 -10.64 9.56 -5.67
C PRO B 13 -10.16 8.68 -6.74
N LEU B 14 -10.70 8.80 -7.94
CA LEU B 14 -10.25 8.09 -9.07
C LEU B 14 -10.63 8.92 -10.27
N THR B 15 -9.70 9.10 -11.20
CA THR B 15 -9.97 9.82 -12.45
C THR B 15 -10.31 8.86 -13.54
N TRP B 16 -11.18 9.26 -14.46
CA TRP B 16 -11.53 8.46 -15.64
C TRP B 16 -11.87 9.42 -16.78
N GLU B 17 -12.12 8.89 -17.99
CA GLU B 17 -12.34 9.74 -19.16
C GLU B 17 -13.71 9.48 -19.77
N ARG B 18 -14.49 10.54 -19.91
CA ARG B 18 -15.90 10.39 -20.37
C ARG B 18 -16.02 11.23 -21.60
N ASP B 19 -16.22 10.63 -22.77
CA ASP B 19 -16.54 11.39 -23.99
C ASP B 19 -15.47 12.47 -24.30
N GLY B 20 -14.22 12.16 -23.99
CA GLY B 20 -13.08 13.00 -24.40
C GLY B 20 -12.61 13.87 -23.25
N SER B 21 -13.38 13.92 -22.17
CA SER B 21 -12.98 14.78 -21.05
C SER B 21 -12.58 14.00 -19.81
N SER B 22 -11.63 14.54 -19.08
CA SER B 22 -11.21 13.93 -17.84
CA SER B 22 -11.17 13.96 -17.82
C SER B 22 -12.22 14.23 -16.74
N VAL B 23 -12.57 13.21 -15.96
CA VAL B 23 -13.54 13.32 -14.90
C VAL B 23 -12.92 12.92 -13.58
N SER B 24 -12.91 13.84 -12.58
CA SER B 24 -12.29 13.54 -11.32
C SER B 24 -13.38 13.03 -10.42
N ALA B 25 -13.50 11.70 -10.37
CA ALA B 25 -14.57 11.04 -9.59
C ALA B 25 -14.02 10.31 -8.35
N SER B 26 -14.75 9.27 -7.92
CA SER B 26 -14.39 8.53 -6.75
C SER B 26 -15.07 7.20 -6.78
N VAL B 27 -14.61 6.33 -5.93
CA VAL B 27 -15.25 5.02 -5.72
C VAL B 27 -15.72 4.92 -4.31
N VAL B 28 -16.67 4.02 -4.09
CA VAL B 28 -17.27 3.69 -2.77
C VAL B 28 -17.25 2.20 -2.53
N ILE B 29 -17.06 1.80 -1.29
CA ILE B 29 -17.04 0.36 -0.90
CA ILE B 29 -17.08 0.34 -1.03
C ILE B 29 -18.48 -0.16 -0.75
N ASP B 30 -18.79 -1.33 -1.29
CA ASP B 30 -20.09 -1.92 -1.12
C ASP B 30 -20.41 -2.09 0.35
N SER B 31 -21.64 -1.80 0.70
CA SER B 31 -22.16 -1.87 2.08
C SER B 31 -21.87 -3.21 2.75
N ASN B 32 -21.81 -4.26 1.97
CA ASN B 32 -21.52 -5.58 2.52
C ASN B 32 -20.18 -5.69 3.21
N TRP B 33 -19.21 -4.85 2.82
CA TRP B 33 -17.88 -4.80 3.43
C TRP B 33 -17.77 -3.91 4.62
N ARG B 34 -18.87 -3.28 5.03
CA ARG B 34 -18.86 -2.31 6.09
C ARG B 34 -19.18 -2.92 7.44
N TRP B 35 -18.82 -2.21 8.48
CA TRP B 35 -19.23 -2.56 9.85
C TRP B 35 -20.71 -2.22 10.06
N THR B 36 -21.45 -3.23 10.55
CA THR B 36 -22.86 -3.05 10.88
C THR B 36 -23.03 -3.14 12.40
N HIS B 37 -23.46 -2.05 13.00
CA HIS B 37 -23.51 -1.90 14.45
C HIS B 37 -24.75 -1.21 14.92
N SER B 38 -24.98 -1.33 16.25
CA SER B 38 -26.08 -0.70 16.92
C SER B 38 -26.05 0.82 16.75
N THR B 39 -27.20 1.44 16.60
CA THR B 39 -27.33 2.87 16.45
C THR B 39 -26.95 3.60 17.74
N GLU B 40 -26.99 2.89 18.86
CA GLU B 40 -26.79 3.50 20.18
C GLU B 40 -25.35 3.40 20.69
N ASP B 41 -24.58 2.47 20.16
CA ASP B 41 -23.25 2.27 20.58
C ASP B 41 -22.42 1.48 19.55
N THR B 42 -21.46 0.70 20.02
CA THR B 42 -20.43 0.12 19.18
C THR B 42 -20.65 -1.42 19.04
N THR B 43 -21.76 -1.89 19.56
CA THR B 43 -22.03 -3.31 19.57
C THR B 43 -22.32 -3.77 18.15
N ASN B 44 -21.72 -4.85 17.71
CA ASN B 44 -21.96 -5.43 16.35
C ASN B 44 -23.39 -5.93 16.17
N CYS B 45 -24.04 -5.54 15.06
CA CYS B 45 -25.31 -6.17 14.70
C CYS B 45 -24.99 -7.41 13.89
N TYR B 46 -23.96 -7.36 13.06
CA TYR B 46 -23.49 -8.50 12.29
C TYR B 46 -22.13 -8.84 12.85
N ASP B 47 -22.03 -10.02 13.41
CA ASP B 47 -20.94 -10.41 14.30
C ASP B 47 -20.39 -11.77 13.85
N GLY B 48 -19.23 -11.78 13.18
CA GLY B 48 -18.74 -13.02 12.56
C GLY B 48 -19.49 -13.26 11.28
N ASN B 49 -20.42 -14.21 11.28
CA ASN B 49 -21.29 -14.44 10.14
C ASN B 49 -22.73 -14.71 10.54
N GLU B 50 -23.07 -14.15 11.71
CA GLU B 50 -24.42 -14.24 12.27
C GLU B 50 -24.86 -12.87 12.78
N TRP B 51 -26.15 -12.64 12.68
CA TRP B 51 -26.71 -11.43 13.26
C TRP B 51 -26.89 -11.59 14.79
N ASP B 52 -26.74 -10.50 15.50
CA ASP B 52 -26.96 -10.48 16.92
C ASP B 52 -28.39 -10.76 17.27
N SER B 53 -28.60 -11.82 18.05
CA SER B 53 -29.90 -12.29 18.36
C SER B 53 -30.76 -11.27 19.11
N THR B 54 -30.14 -10.47 19.97
CA THR B 54 -30.91 -9.49 20.79
C THR B 54 -31.26 -8.29 19.94
N LEU B 55 -30.28 -7.72 19.26
CA LEU B 55 -30.55 -6.53 18.39
C LEU B 55 -31.42 -6.88 17.20
N CYS B 56 -31.29 -8.10 16.63
CA CYS B 56 -31.88 -8.48 15.37
C CYS B 56 -32.74 -9.71 15.46
N PRO B 57 -33.82 -9.65 16.25
CA PRO B 57 -34.68 -10.81 16.43
C PRO B 57 -35.62 -11.06 15.20
N ASP B 58 -35.85 -10.04 14.39
CA ASP B 58 -36.54 -10.14 13.12
C ASP B 58 -35.99 -9.01 12.24
N ALA B 59 -36.26 -9.07 10.94
CA ALA B 59 -35.63 -8.11 10.02
C ALA B 59 -36.04 -6.65 10.29
N ASP B 60 -37.29 -6.39 10.70
CA ASP B 60 -37.73 -4.99 10.86
C ASP B 60 -37.05 -4.36 12.07
N THR B 61 -36.94 -5.20 13.10
CA THR B 61 -36.22 -4.74 14.34
C THR B 61 -34.73 -4.50 14.10
N CYS B 62 -34.11 -5.43 13.35
CA CYS B 62 -32.71 -5.28 12.97
C CYS B 62 -32.47 -3.98 12.20
N THR B 63 -33.35 -3.74 11.22
CA THR B 63 -33.24 -2.56 10.42
C THR B 63 -33.35 -1.26 11.25
N GLU B 64 -34.26 -1.26 12.22
CA GLU B 64 -34.37 -0.13 13.13
C GLU B 64 -33.16 0.07 13.99
N ASN B 65 -32.52 -1.00 14.45
CA ASN B 65 -31.53 -0.90 15.50
C ASN B 65 -30.09 -0.77 15.00
N CYS B 66 -29.89 -1.08 13.70
CA CYS B 66 -28.55 -1.25 13.10
C CYS B 66 -28.22 -0.23 12.01
N ALA B 67 -26.91 0.02 11.90
CA ALA B 67 -26.41 1.04 11.09
C ALA B 67 -25.12 0.58 10.45
N ILE B 68 -24.86 1.10 9.26
CA ILE B 68 -23.63 0.81 8.53
C ILE B 68 -22.73 2.06 8.57
N ASP B 69 -21.44 1.86 8.86
CA ASP B 69 -20.60 3.00 9.17
C ASP B 69 -19.66 3.34 8.05
N GLY B 70 -19.08 4.52 8.18
CA GLY B 70 -18.20 5.06 7.16
C GLY B 70 -16.88 4.41 7.11
N VAL B 71 -16.21 4.61 5.98
CA VAL B 71 -14.83 4.17 5.73
C VAL B 71 -13.96 5.44 5.57
N ASP B 72 -13.04 5.69 6.50
CA ASP B 72 -12.25 6.87 6.40
C ASP B 72 -11.04 6.68 5.49
N GLN B 73 -10.36 7.78 5.24
CA GLN B 73 -9.23 7.77 4.31
C GLN B 73 -8.23 6.64 4.57
N GLY B 74 -7.83 6.52 5.82
CA GLY B 74 -6.85 5.51 6.24
C GLY B 74 -7.34 4.08 6.03
N THR B 75 -8.62 3.86 6.25
CA THR B 75 -9.17 2.55 6.30
C THR B 75 -9.15 1.85 4.92
N TRP B 76 -9.27 2.66 3.87
CA TRP B 76 -9.20 2.12 2.54
C TRP B 76 -8.00 1.21 2.35
N GLY B 77 -6.81 1.72 2.62
CA GLY B 77 -5.59 0.93 2.46
C GLY B 77 -5.39 0.02 3.67
N ASP B 78 -5.60 0.52 4.90
CA ASP B 78 -5.22 -0.31 6.07
C ASP B 78 -6.11 -1.51 6.33
N THR B 79 -7.38 -1.42 5.92
CA THR B 79 -8.28 -2.52 6.19
C THR B 79 -8.56 -3.26 4.93
N TYR B 80 -8.84 -2.54 3.85
CA TYR B 80 -9.25 -3.19 2.64
C TYR B 80 -8.14 -3.36 1.61
N GLY B 81 -6.94 -2.81 1.82
CA GLY B 81 -5.84 -2.96 0.81
C GLY B 81 -6.16 -2.31 -0.53
N ILE B 82 -6.96 -1.25 -0.52
CA ILE B 82 -7.31 -0.56 -1.71
C ILE B 82 -6.56 0.73 -1.81
N THR B 83 -5.88 0.94 -2.91
CA THR B 83 -5.26 2.23 -3.15
C THR B 83 -5.55 2.79 -4.52
N ALA B 84 -5.50 4.09 -4.62
CA ALA B 84 -5.67 4.73 -5.91
C ALA B 84 -4.65 5.78 -6.14
N SER B 85 -4.34 5.95 -7.39
CA SER B 85 -3.36 6.96 -7.84
C SER B 85 -3.80 7.44 -9.22
N GLY B 86 -4.18 8.70 -9.37
CA GLY B 86 -4.61 9.17 -10.63
C GLY B 86 -5.78 8.41 -11.22
N SER B 87 -5.53 7.73 -12.29
CA SER B 87 -6.56 6.94 -12.95
CA SER B 87 -6.57 6.96 -12.96
C SER B 87 -6.38 5.45 -12.68
N LYS B 88 -5.57 5.11 -11.68
CA LYS B 88 -5.30 3.72 -11.34
CA LYS B 88 -5.29 3.73 -11.35
C LYS B 88 -5.89 3.31 -10.01
N LEU B 89 -6.54 2.11 -9.98
CA LEU B 89 -7.10 1.55 -8.75
C LEU B 89 -6.57 0.15 -8.55
N THR B 90 -6.07 -0.13 -7.35
CA THR B 90 -5.52 -1.43 -7.02
C THR B 90 -6.37 -1.98 -5.84
N LEU B 91 -6.92 -3.20 -6.02
CA LEU B 91 -7.55 -4.00 -5.05
C LEU B 91 -6.71 -5.17 -4.60
N SER B 92 -6.83 -5.49 -3.34
CA SER B 92 -6.08 -6.54 -2.70
C SER B 92 -6.98 -7.66 -2.32
N PHE B 93 -6.35 -8.80 -2.15
CA PHE B 93 -7.02 -10.03 -1.79
C PHE B 93 -7.16 -10.16 -0.25
N VAL B 94 -6.11 -10.64 0.43
CA VAL B 94 -6.12 -10.79 1.86
C VAL B 94 -5.36 -9.64 2.47
N THR B 95 -6.03 -8.84 3.30
CA THR B 95 -5.37 -7.72 4.01
C THR B 95 -5.48 -7.94 5.51
N GLU B 96 -4.33 -8.02 6.20
CA GLU B 96 -4.30 -8.26 7.62
C GLU B 96 -4.28 -6.88 8.26
N GLY B 97 -5.35 -6.57 8.97
CA GLY B 97 -5.43 -5.27 9.65
C GLY B 97 -4.90 -5.37 11.07
N GLU B 98 -5.09 -4.29 11.83
CA GLU B 98 -4.72 -4.27 13.26
C GLU B 98 -5.34 -5.47 13.96
N TYR B 99 -6.66 -5.59 13.89
CA TYR B 99 -7.37 -6.64 14.58
C TYR B 99 -7.75 -7.77 13.63
N SER B 100 -8.29 -7.41 12.46
CA SER B 100 -8.94 -8.40 11.64
C SER B 100 -8.40 -8.46 10.20
N THR B 101 -8.99 -9.39 9.45
CA THR B 101 -8.52 -9.73 8.14
C THR B 101 -9.70 -9.53 7.19
N ASP B 102 -9.44 -8.78 6.13
CA ASP B 102 -10.44 -8.58 5.04
C ASP B 102 -10.06 -9.48 3.89
N ILE B 103 -11.06 -10.08 3.22
CA ILE B 103 -10.86 -10.85 1.99
C ILE B 103 -11.61 -10.15 0.82
N GLY B 104 -10.84 -9.60 -0.12
CA GLY B 104 -11.43 -9.07 -1.33
C GLY B 104 -12.14 -7.75 -1.04
N SER B 105 -12.73 -7.27 -2.08
CA SER B 105 -13.48 -6.03 -1.99
C SER B 105 -14.30 -5.88 -3.28
N ARG B 106 -15.27 -4.99 -3.18
CA ARG B 106 -16.16 -4.69 -4.28
C ARG B 106 -16.41 -3.17 -4.17
N VAL B 107 -16.21 -2.38 -5.23
CA VAL B 107 -16.42 -0.98 -5.19
C VAL B 107 -17.21 -0.53 -6.40
N PHE B 108 -17.81 0.65 -6.31
CA PHE B 108 -18.68 1.24 -7.35
C PHE B 108 -18.17 2.65 -7.68
N LEU B 109 -18.26 3.02 -8.95
CA LEU B 109 -17.90 4.36 -9.40
C LEU B 109 -19.04 5.33 -9.07
N MET B 110 -18.67 6.44 -8.47
CA MET B 110 -19.56 7.52 -8.11
C MET B 110 -19.56 8.69 -9.09
N ALA B 111 -20.73 9.22 -9.28
CA ALA B 111 -20.95 10.52 -9.99
C ALA B 111 -20.71 11.69 -9.03
N ASP B 112 -21.20 11.57 -7.81
CA ASP B 112 -21.01 12.58 -6.78
C ASP B 112 -21.18 11.87 -5.45
N ASP B 113 -21.35 12.59 -4.35
CA ASP B 113 -21.31 11.87 -3.08
C ASP B 113 -22.49 10.98 -2.89
N ASP B 114 -23.61 11.22 -3.58
CA ASP B 114 -24.86 10.50 -3.26
C ASP B 114 -25.39 9.60 -4.39
N ASN B 115 -24.66 9.52 -5.51
CA ASN B 115 -25.20 8.86 -6.68
C ASN B 115 -24.09 8.17 -7.41
N TYR B 116 -24.38 6.94 -7.79
CA TYR B 116 -23.50 6.23 -8.64
C TYR B 116 -23.43 6.87 -10.02
N GLU B 117 -22.31 6.72 -10.71
CA GLU B 117 -22.23 7.05 -12.09
C GLU B 117 -23.07 6.06 -12.90
N ILE B 118 -23.80 6.59 -13.86
CA ILE B 118 -24.66 5.76 -14.72
C ILE B 118 -24.06 5.78 -16.12
N PHE B 119 -23.82 4.57 -16.64
CA PHE B 119 -23.28 4.37 -17.93
C PHE B 119 -24.36 3.84 -18.90
N ASN B 120 -24.43 4.47 -20.06
CA ASN B 120 -25.33 4.05 -21.14
C ASN B 120 -24.42 3.57 -22.26
N LEU B 121 -24.21 2.26 -22.28
CA LEU B 121 -23.22 1.67 -23.08
C LEU B 121 -23.59 1.47 -24.56
N LEU B 122 -24.87 1.58 -24.90
CA LEU B 122 -25.27 1.31 -26.27
C LEU B 122 -24.60 2.27 -27.24
N ASP B 123 -24.09 1.73 -28.33
CA ASP B 123 -23.43 2.55 -29.32
C ASP B 123 -22.23 3.32 -28.76
N LYS B 124 -21.58 2.74 -27.74
CA LYS B 124 -20.36 3.24 -27.17
C LYS B 124 -19.27 2.21 -27.13
N GLU B 125 -18.05 2.72 -26.97
CA GLU B 125 -16.85 1.92 -26.76
C GLU B 125 -16.35 2.20 -25.37
N PHE B 126 -16.19 1.11 -24.59
CA PHE B 126 -15.74 1.19 -23.20
C PHE B 126 -14.41 0.49 -23.13
N SER B 127 -13.44 1.12 -22.52
CA SER B 127 -12.12 0.54 -22.45
C SER B 127 -11.46 0.87 -21.10
N PHE B 128 -10.52 0.02 -20.75
CA PHE B 128 -9.69 0.17 -19.59
C PHE B 128 -8.41 -0.70 -19.75
N ASP B 129 -7.46 -0.50 -18.84
CA ASP B 129 -6.26 -1.28 -18.73
C ASP B 129 -6.33 -2.08 -17.45
N VAL B 130 -5.76 -3.30 -17.51
CA VAL B 130 -5.72 -4.21 -16.41
C VAL B 130 -4.42 -4.92 -16.36
N ASP B 131 -3.95 -5.11 -15.13
CA ASP B 131 -2.81 -5.93 -14.85
C ASP B 131 -3.35 -7.05 -13.95
N ALA B 132 -3.49 -8.23 -14.54
CA ALA B 132 -4.04 -9.47 -13.92
C ALA B 132 -2.92 -10.40 -13.56
N SER B 133 -1.66 -9.93 -13.69
CA SER B 133 -0.53 -10.83 -13.46
C SER B 133 -0.40 -11.40 -12.10
N ASN B 134 -0.89 -10.71 -11.10
CA ASN B 134 -0.78 -11.15 -9.70
C ASN B 134 -2.12 -11.76 -9.21
N LEU B 135 -2.86 -12.35 -10.16
CA LEU B 135 -4.03 -13.17 -9.90
C LEU B 135 -3.81 -14.63 -10.35
N PRO B 136 -3.63 -15.53 -9.38
CA PRO B 136 -3.53 -16.96 -9.73
C PRO B 136 -4.87 -17.65 -9.98
N CYS B 137 -4.81 -18.92 -10.35
CA CYS B 137 -5.99 -19.77 -10.45
C CYS B 137 -6.78 -19.60 -9.19
N GLY B 138 -8.12 -19.52 -9.35
CA GLY B 138 -9.01 -19.42 -8.24
C GLY B 138 -9.44 -18.00 -7.84
N LEU B 139 -8.78 -17.04 -8.42
CA LEU B 139 -9.13 -15.63 -8.19
C LEU B 139 -9.83 -15.00 -9.37
N ASN B 140 -10.61 -13.98 -9.07
CA ASN B 140 -11.29 -13.18 -10.12
C ASN B 140 -11.20 -11.70 -9.83
N GLY B 141 -10.49 -10.99 -10.67
CA GLY B 141 -10.45 -9.55 -10.68
C GLY B 141 -11.43 -9.13 -11.77
N ALA B 142 -12.56 -8.57 -11.36
CA ALA B 142 -13.67 -8.37 -12.26
C ALA B 142 -13.98 -6.89 -12.42
N LEU B 143 -14.38 -6.54 -13.64
CA LEU B 143 -14.90 -5.19 -13.89
C LEU B 143 -16.20 -5.44 -14.68
N TYR B 144 -17.30 -4.92 -14.12
CA TYR B 144 -18.62 -5.22 -14.72
C TYR B 144 -19.61 -4.15 -14.44
N PHE B 145 -20.78 -4.27 -15.05
CA PHE B 145 -21.87 -3.34 -14.85
C PHE B 145 -23.10 -4.12 -14.38
N VAL B 146 -23.90 -3.46 -13.53
CA VAL B 146 -25.14 -4.00 -12.96
C VAL B 146 -26.19 -2.90 -13.00
N SER B 147 -27.43 -3.36 -13.15
CA SER B 147 -28.60 -2.47 -13.13
C SER B 147 -29.03 -2.05 -11.74
N MET B 148 -28.08 -1.56 -10.94
CA MET B 148 -28.38 -0.95 -9.70
C MET B 148 -29.14 0.38 -9.82
N ASP B 149 -29.85 0.77 -8.76
CA ASP B 149 -30.43 2.12 -8.70
C ASP B 149 -29.32 3.18 -8.55
N GLU B 150 -29.47 4.30 -9.29
CA GLU B 150 -28.52 5.39 -9.29
C GLU B 150 -28.22 5.92 -7.84
N ASP B 151 -29.26 5.94 -7.06
CA ASP B 151 -29.20 6.48 -5.67
C ASP B 151 -28.97 5.42 -4.60
N GLY B 152 -28.75 4.19 -5.03
CA GLY B 152 -28.50 3.06 -4.15
C GLY B 152 -29.79 2.57 -3.44
N GLY B 153 -30.96 3.11 -3.80
CA GLY B 153 -32.20 2.68 -3.14
C GLY B 153 -32.90 3.70 -2.28
N THR B 154 -32.31 4.88 -2.08
CA THR B 154 -32.83 5.91 -1.16
CA THR B 154 -32.91 5.78 -1.11
C THR B 154 -34.28 6.30 -1.51
N SER B 155 -34.51 6.49 -2.78
CA SER B 155 -35.82 7.03 -3.19
C SER B 155 -36.93 6.01 -3.10
N LYS B 156 -36.64 4.73 -3.30
CA LYS B 156 -37.59 3.68 -3.28
C LYS B 156 -37.84 2.96 -1.98
N TYR B 157 -36.87 3.04 -1.07
CA TYR B 157 -36.87 2.27 0.19
C TYR B 157 -36.60 3.20 1.35
N SER B 158 -37.62 3.60 2.11
CA SER B 158 -37.43 4.76 2.96
C SER B 158 -36.63 4.40 4.19
N THR B 159 -36.47 3.08 4.44
CA THR B 159 -35.54 2.63 5.47
C THR B 159 -34.04 2.56 5.03
N ASN B 160 -33.78 2.86 3.76
CA ASN B 160 -32.42 3.09 3.31
C ASN B 160 -32.19 4.55 3.33
N THR B 161 -31.64 5.04 4.40
CA THR B 161 -31.18 6.43 4.38
C THR B 161 -29.73 6.64 4.03
N ALA B 162 -28.96 5.56 3.96
CA ALA B 162 -27.54 5.57 3.80
C ALA B 162 -27.25 5.79 2.32
N GLY B 163 -27.86 4.97 1.46
CA GLY B 163 -27.82 5.16 0.04
C GLY B 163 -26.43 4.86 -0.61
N ALA B 164 -26.36 5.28 -1.85
CA ALA B 164 -25.12 5.11 -2.66
C ALA B 164 -23.87 5.71 -1.98
N LYS B 165 -24.06 6.76 -1.11
CA LYS B 165 -22.96 7.34 -0.33
C LYS B 165 -22.26 6.25 0.49
N TYR B 166 -23.02 5.21 0.91
CA TYR B 166 -22.52 4.08 1.70
C TYR B 166 -22.51 2.77 0.91
N GLY B 167 -22.57 2.88 -0.41
CA GLY B 167 -22.44 1.71 -1.26
C GLY B 167 -23.60 0.73 -1.17
N THR B 168 -24.80 1.23 -0.89
CA THR B 168 -25.98 0.35 -0.78
C THR B 168 -26.57 -0.10 -2.14
N GLY B 169 -27.39 -1.15 -2.09
CA GLY B 169 -28.15 -1.49 -3.24
C GLY B 169 -27.52 -2.39 -4.29
N TYR B 170 -26.49 -3.15 -3.90
CA TYR B 170 -25.87 -4.08 -4.90
C TYR B 170 -26.95 -5.11 -5.30
N CYS B 171 -26.88 -5.51 -6.57
CA CYS B 171 -27.69 -6.60 -7.15
C CYS B 171 -26.85 -7.11 -8.28
N ASP B 172 -27.09 -8.35 -8.71
CA ASP B 172 -26.50 -8.85 -9.92
C ASP B 172 -27.31 -10.05 -10.39
N ALA B 173 -26.83 -10.71 -11.43
CA ALA B 173 -27.62 -11.69 -12.13
C ALA B 173 -27.61 -13.03 -11.35
N GLN B 174 -26.83 -13.16 -10.30
CA GLN B 174 -26.87 -14.30 -9.42
C GLN B 174 -27.97 -14.24 -8.35
N CYS B 175 -28.75 -13.13 -8.28
CA CYS B 175 -29.78 -12.91 -7.20
C CYS B 175 -29.15 -13.32 -5.86
N PRO B 176 -28.06 -12.70 -5.48
CA PRO B 176 -27.35 -13.18 -4.30
C PRO B 176 -28.13 -13.00 -2.99
N HIS B 177 -28.06 -14.01 -2.14
CA HIS B 177 -28.66 -13.94 -0.84
C HIS B 177 -27.70 -13.47 0.26
N ASP B 178 -26.45 -13.32 -0.06
CA ASP B 178 -25.43 -12.90 0.91
C ASP B 178 -25.42 -11.43 1.18
N MET B 179 -26.30 -10.67 0.53
CA MET B 179 -26.36 -9.24 0.84
C MET B 179 -27.01 -9.05 2.21
N LYS B 180 -26.38 -8.23 3.04
CA LYS B 180 -26.91 -7.96 4.35
C LYS B 180 -28.08 -7.01 4.41
N PHE B 181 -28.15 -6.10 3.43
CA PHE B 181 -29.29 -5.22 3.24
C PHE B 181 -29.79 -5.34 1.83
N ILE B 182 -31.07 -5.55 1.72
CA ILE B 182 -31.77 -5.59 0.42
C ILE B 182 -33.08 -4.87 0.61
N ALA B 183 -33.41 -4.06 -0.38
CA ALA B 183 -34.65 -3.30 -0.36
C ALA B 183 -34.74 -2.42 0.90
N GLY B 184 -33.59 -1.88 1.28
CA GLY B 184 -33.50 -1.11 2.45
C GLY B 184 -33.64 -1.74 3.82
N LYS B 185 -33.72 -3.07 3.89
CA LYS B 185 -33.99 -3.81 5.11
C LYS B 185 -32.88 -4.80 5.35
N ALA B 186 -32.58 -5.04 6.61
CA ALA B 186 -31.64 -6.08 6.96
C ALA B 186 -32.21 -7.41 6.45
N ASN B 187 -31.36 -8.22 5.80
CA ASN B 187 -31.68 -9.56 5.28
C ASN B 187 -31.47 -10.64 6.35
N SER B 188 -31.92 -10.38 7.60
CA SER B 188 -31.54 -11.24 8.70
C SER B 188 -32.56 -12.35 8.90
N ASP B 189 -33.74 -12.30 8.28
CA ASP B 189 -34.72 -13.38 8.45
C ASP B 189 -34.22 -14.55 7.68
N GLY B 190 -34.18 -15.70 8.34
CA GLY B 190 -33.77 -16.89 7.66
C GLY B 190 -32.26 -17.01 7.49
N TRP B 191 -31.49 -16.16 8.17
CA TRP B 191 -30.07 -16.14 7.93
C TRP B 191 -29.37 -17.44 8.36
N THR B 192 -28.58 -17.97 7.44
CA THR B 192 -27.74 -19.18 7.68
C THR B 192 -26.27 -18.83 7.44
N PRO B 193 -25.38 -19.08 8.40
CA PRO B 193 -23.99 -18.76 8.20
C PRO B 193 -23.43 -19.71 7.15
N SER B 194 -22.47 -19.22 6.38
CA SER B 194 -21.86 -20.10 5.36
C SER B 194 -21.02 -21.18 6.11
N ASP B 195 -20.97 -22.41 5.58
CA ASP B 195 -20.02 -23.41 6.08
C ASP B 195 -18.55 -23.11 5.80
N ASN B 196 -18.23 -22.39 4.73
CA ASN B 196 -16.85 -22.20 4.43
C ASN B 196 -16.34 -20.75 4.34
N ASP B 197 -17.18 -19.77 4.64
CA ASP B 197 -16.77 -18.39 4.57
C ASP B 197 -17.19 -17.83 5.92
N GLN B 198 -16.22 -17.60 6.76
CA GLN B 198 -16.47 -17.22 8.10
C GLN B 198 -17.02 -15.81 8.24
N ASN B 199 -16.99 -15.01 7.16
CA ASN B 199 -17.64 -13.69 7.17
C ASN B 199 -18.98 -13.62 6.48
N ALA B 200 -19.42 -14.70 5.89
CA ALA B 200 -20.53 -14.68 4.98
C ALA B 200 -21.69 -15.55 5.45
N GLY B 201 -22.92 -15.24 5.01
CA GLY B 201 -24.08 -16.06 5.24
C GLY B 201 -25.07 -15.75 4.15
N THR B 202 -26.27 -16.32 4.27
CA THR B 202 -27.33 -16.05 3.31
C THR B 202 -28.63 -15.85 4.04
N GLY B 203 -29.39 -14.93 3.54
CA GLY B 203 -30.72 -14.63 4.07
C GLY B 203 -31.82 -15.00 3.07
N GLU B 204 -33.07 -14.88 3.49
CA GLU B 204 -34.21 -15.28 2.69
C GLU B 204 -34.27 -14.53 1.34
N MET B 205 -33.92 -13.26 1.33
CA MET B 205 -34.04 -12.45 0.15
CA MET B 205 -34.04 -12.46 0.12
C MET B 205 -32.73 -12.49 -0.65
N GLY B 206 -32.91 -12.35 -1.97
CA GLY B 206 -31.85 -12.15 -2.95
C GLY B 206 -32.04 -10.84 -3.61
N ALA B 207 -30.98 -10.35 -4.25
CA ALA B 207 -31.03 -9.04 -4.86
C ALA B 207 -30.70 -9.21 -6.36
N CYS B 208 -31.71 -9.20 -7.24
CA CYS B 208 -31.55 -9.54 -8.68
C CYS B 208 -31.45 -8.35 -9.56
N CYS B 209 -30.59 -8.34 -10.58
CA CYS B 209 -30.71 -7.44 -11.66
C CYS B 209 -29.75 -7.85 -12.79
N HIS B 210 -29.97 -7.23 -13.90
CA HIS B 210 -29.14 -7.41 -15.13
C HIS B 210 -27.69 -7.16 -14.83
N GLU B 211 -26.83 -7.81 -15.59
CA GLU B 211 -25.42 -7.70 -15.36
C GLU B 211 -24.65 -7.92 -16.66
N MET B 212 -23.75 -7.00 -16.99
CA MET B 212 -22.92 -7.10 -18.17
C MET B 212 -21.47 -7.19 -17.67
N ASP B 213 -20.92 -8.41 -17.75
CA ASP B 213 -19.59 -8.62 -17.30
C ASP B 213 -18.59 -8.29 -18.40
N ILE B 214 -17.84 -7.24 -18.21
CA ILE B 214 -16.78 -6.84 -19.17
C ILE B 214 -15.54 -7.69 -19.07
N TRP B 215 -15.19 -8.01 -17.84
CA TRP B 215 -13.94 -8.67 -17.59
C TRP B 215 -13.98 -9.47 -16.30
N GLU B 216 -14.00 -10.79 -16.42
CA GLU B 216 -13.81 -11.70 -15.29
C GLU B 216 -12.57 -12.49 -15.65
N ALA B 217 -11.55 -12.44 -14.82
CA ALA B 217 -10.26 -12.95 -15.23
C ALA B 217 -9.28 -13.08 -14.08
N ASN B 218 -8.32 -13.99 -14.30
CA ASN B 218 -7.13 -14.08 -13.54
C ASN B 218 -5.98 -14.22 -14.61
N SER B 219 -4.77 -14.47 -14.13
CA SER B 219 -3.67 -14.67 -15.06
C SER B 219 -3.88 -15.80 -16.00
N GLN B 220 -4.75 -16.73 -15.73
CA GLN B 220 -4.84 -17.92 -16.51
C GLN B 220 -6.01 -17.95 -17.50
N ALA B 221 -7.08 -17.18 -17.27
CA ALA B 221 -8.25 -17.27 -18.13
C ALA B 221 -9.09 -16.01 -17.97
N GLN B 222 -9.88 -15.71 -18.96
CA GLN B 222 -10.77 -14.56 -18.96
C GLN B 222 -12.02 -14.76 -19.75
N SER B 223 -13.07 -14.01 -19.37
CA SER B 223 -14.33 -14.04 -20.09
CA SER B 223 -14.32 -14.04 -20.07
C SER B 223 -15.04 -12.72 -20.01
N TYR B 224 -15.92 -12.53 -20.95
CA TYR B 224 -16.98 -11.53 -20.87
C TYR B 224 -18.34 -12.11 -21.18
N THR B 225 -19.35 -11.61 -20.44
CA THR B 225 -20.61 -12.29 -20.34
C THR B 225 -21.78 -11.29 -20.22
N ALA B 226 -22.84 -11.52 -21.01
CA ALA B 226 -24.11 -10.86 -20.84
C ALA B 226 -25.12 -11.68 -20.08
N HIS B 227 -25.70 -11.05 -19.07
CA HIS B 227 -26.74 -11.70 -18.25
C HIS B 227 -27.98 -10.79 -18.21
N VAL B 228 -29.11 -11.29 -18.72
CA VAL B 228 -30.32 -10.57 -18.71
C VAL B 228 -31.31 -11.22 -17.73
N CYS B 229 -32.16 -10.41 -17.19
CA CYS B 229 -33.20 -10.84 -16.29
C CYS B 229 -34.58 -10.47 -16.91
N SER B 230 -35.64 -11.09 -16.41
CA SER B 230 -36.99 -10.79 -16.93
C SER B 230 -37.66 -9.69 -16.16
N VAL B 231 -36.97 -9.19 -15.15
CA VAL B 231 -37.43 -8.14 -14.22
C VAL B 231 -36.70 -6.85 -14.54
N ASP B 232 -37.30 -5.77 -14.09
CA ASP B 232 -36.88 -4.44 -14.48
C ASP B 232 -36.04 -3.79 -13.40
N GLY B 233 -34.74 -3.82 -13.58
CA GLY B 233 -33.84 -3.20 -12.62
C GLY B 233 -33.71 -3.95 -11.29
N TYR B 234 -33.31 -3.23 -10.25
CA TYR B 234 -33.10 -3.87 -8.96
C TYR B 234 -34.36 -4.51 -8.45
N THR B 235 -34.34 -5.81 -8.24
CA THR B 235 -35.53 -6.62 -7.90
C THR B 235 -35.22 -7.57 -6.74
N PRO B 236 -35.76 -7.28 -5.56
CA PRO B 236 -35.67 -8.30 -4.51
C PRO B 236 -36.40 -9.55 -4.90
N CYS B 237 -35.89 -10.71 -4.50
CA CYS B 237 -36.53 -11.98 -4.78
C CYS B 237 -36.61 -12.84 -3.51
N THR B 238 -37.63 -13.68 -3.45
CA THR B 238 -37.60 -14.80 -2.49
C THR B 238 -38.00 -16.06 -3.26
N GLY B 239 -37.71 -17.18 -2.65
CA GLY B 239 -38.26 -18.43 -3.17
C GLY B 239 -37.68 -18.79 -4.49
N THR B 240 -38.51 -19.42 -5.33
CA THR B 240 -38.03 -19.89 -6.64
CA THR B 240 -38.09 -19.87 -6.64
C THR B 240 -37.70 -18.73 -7.58
N ASP B 241 -38.16 -17.51 -7.28
CA ASP B 241 -37.87 -16.37 -8.17
C ASP B 241 -36.39 -16.03 -8.14
N CYS B 242 -35.70 -16.36 -7.06
CA CYS B 242 -34.24 -16.20 -7.02
C CYS B 242 -33.43 -17.18 -7.86
N GLY B 243 -34.04 -18.31 -8.30
CA GLY B 243 -33.38 -19.25 -9.11
C GLY B 243 -32.11 -19.74 -8.50
N ASP B 244 -32.22 -20.17 -7.25
CA ASP B 244 -31.06 -20.58 -6.50
C ASP B 244 -30.26 -21.73 -7.15
N ASN B 245 -28.98 -21.77 -6.86
CA ASN B 245 -28.10 -22.80 -7.38
C ASN B 245 -28.75 -24.10 -7.06
N GLY B 246 -28.63 -25.07 -7.96
CA GLY B 246 -29.21 -26.35 -7.66
C GLY B 246 -30.38 -26.57 -8.57
N ASP B 247 -31.45 -27.15 -8.03
CA ASP B 247 -32.59 -27.49 -8.87
C ASP B 247 -33.33 -26.30 -9.45
N ASP B 248 -33.22 -25.16 -8.76
CA ASP B 248 -33.91 -23.95 -9.15
C ASP B 248 -33.16 -23.04 -10.13
N ARG B 249 -31.98 -23.44 -10.56
CA ARG B 249 -31.08 -22.57 -11.28
C ARG B 249 -31.75 -21.82 -12.43
N TYR B 250 -32.59 -22.51 -13.21
CA TYR B 250 -33.17 -21.92 -14.43
C TYR B 250 -34.63 -21.54 -14.23
N LYS B 251 -35.09 -21.49 -12.97
CA LYS B 251 -36.47 -21.29 -12.67
C LYS B 251 -36.75 -19.86 -12.15
N GLY B 252 -35.72 -19.03 -12.04
CA GLY B 252 -35.88 -17.76 -11.41
C GLY B 252 -35.96 -16.66 -12.48
N VAL B 253 -35.82 -15.42 -12.02
CA VAL B 253 -35.97 -14.28 -12.84
C VAL B 253 -34.69 -13.80 -13.58
N CYS B 254 -33.52 -14.32 -13.23
CA CYS B 254 -32.32 -13.93 -13.91
C CYS B 254 -31.53 -15.07 -14.50
N ASP B 255 -30.77 -14.77 -15.57
CA ASP B 255 -29.92 -15.77 -16.24
C ASP B 255 -28.57 -15.84 -15.52
N LYS B 256 -28.40 -16.81 -14.65
CA LYS B 256 -27.20 -16.93 -13.90
C LYS B 256 -25.97 -17.27 -14.78
N ASP B 257 -26.17 -18.14 -15.74
CA ASP B 257 -25.04 -18.52 -16.57
C ASP B 257 -24.60 -17.38 -17.49
N GLY B 258 -25.54 -16.65 -18.06
CA GLY B 258 -25.20 -15.68 -19.07
C GLY B 258 -24.90 -16.23 -20.45
N CYS B 259 -24.81 -15.33 -21.37
CA CYS B 259 -24.20 -15.70 -22.66
C CYS B 259 -22.74 -15.23 -22.58
N ASP B 260 -21.84 -16.20 -22.45
CA ASP B 260 -20.44 -15.98 -22.16
C ASP B 260 -19.60 -16.14 -23.35
N TYR B 261 -18.56 -15.32 -23.43
CA TYR B 261 -17.52 -15.43 -24.50
C TYR B 261 -16.16 -15.52 -23.74
N ALA B 262 -15.72 -16.77 -23.61
CA ALA B 262 -14.51 -17.11 -22.93
C ALA B 262 -13.54 -17.81 -23.86
N ALA B 263 -12.51 -17.13 -24.28
CA ALA B 263 -11.71 -17.58 -25.41
C ALA B 263 -11.16 -19.01 -25.22
N TYR B 264 -10.70 -19.36 -24.01
CA TYR B 264 -10.12 -20.68 -23.79
C TYR B 264 -11.20 -21.68 -23.94
N ARG B 265 -12.36 -21.45 -23.30
CA ARG B 265 -13.52 -22.34 -23.46
C ARG B 265 -14.01 -22.52 -24.92
N LEU B 266 -13.76 -21.51 -25.71
CA LEU B 266 -14.12 -21.52 -27.12
C LEU B 266 -13.04 -22.08 -28.04
N GLY B 267 -12.05 -22.73 -27.45
CA GLY B 267 -11.09 -23.49 -28.22
C GLY B 267 -9.84 -22.74 -28.55
N GLN B 268 -9.59 -21.62 -27.87
CA GLN B 268 -8.40 -20.76 -28.17
C GLN B 268 -7.53 -20.72 -26.94
N HIS B 269 -6.76 -21.80 -26.74
CA HIS B 269 -6.01 -21.99 -25.53
C HIS B 269 -4.82 -21.09 -25.35
N ASP B 270 -4.20 -20.65 -26.42
CA ASP B 270 -3.01 -19.79 -26.27
C ASP B 270 -3.23 -18.30 -26.50
N PHE B 271 -4.50 -17.89 -26.64
CA PHE B 271 -4.79 -16.53 -26.94
C PHE B 271 -4.47 -15.64 -25.73
N TYR B 272 -4.89 -16.04 -24.55
CA TYR B 272 -4.68 -15.24 -23.36
C TYR B 272 -4.01 -16.09 -22.25
N GLY B 273 -3.00 -15.57 -21.58
CA GLY B 273 -2.38 -16.23 -20.45
C GLY B 273 -0.92 -15.92 -20.45
N GLU B 274 -0.18 -16.73 -19.71
CA GLU B 274 1.25 -16.51 -19.52
C GLU B 274 1.91 -16.69 -20.89
N GLY B 275 2.48 -15.63 -21.44
CA GLY B 275 3.03 -15.66 -22.81
C GLY B 275 2.05 -15.90 -23.92
N GLY B 276 0.78 -15.59 -23.67
CA GLY B 276 -0.25 -15.74 -24.68
C GLY B 276 -0.14 -14.62 -25.70
N THR B 277 -0.91 -14.74 -26.78
CA THR B 277 -1.05 -13.66 -27.75
C THR B 277 -1.37 -12.32 -27.06
N VAL B 278 -2.25 -12.41 -26.06
CA VAL B 278 -2.45 -11.33 -25.04
C VAL B 278 -1.77 -11.87 -23.82
N ASP B 279 -0.75 -11.22 -23.31
CA ASP B 279 0.08 -11.80 -22.29
C ASP B 279 -0.38 -11.30 -20.94
N SER B 280 -0.90 -12.21 -20.12
CA SER B 280 -1.35 -11.82 -18.80
C SER B 280 -0.26 -11.40 -17.84
N GLY B 281 1.02 -11.56 -18.19
CA GLY B 281 2.11 -11.19 -17.31
C GLY B 281 2.29 -9.69 -17.20
N SER B 282 1.61 -8.92 -18.05
CA SER B 282 1.70 -7.48 -17.92
C SER B 282 0.41 -6.77 -18.27
N THR B 283 0.41 -5.47 -18.11
CA THR B 283 -0.79 -4.69 -18.35
C THR B 283 -1.24 -4.86 -19.83
N LEU B 284 -2.55 -4.89 -20.02
CA LEU B 284 -3.20 -4.92 -21.30
C LEU B 284 -4.42 -4.01 -21.28
N THR B 285 -4.84 -3.57 -22.44
CA THR B 285 -5.97 -2.75 -22.64
C THR B 285 -7.11 -3.61 -23.22
N VAL B 286 -8.24 -3.50 -22.56
CA VAL B 286 -9.45 -4.27 -23.00
C VAL B 286 -10.45 -3.29 -23.56
N ILE B 287 -10.96 -3.54 -24.77
CA ILE B 287 -11.82 -2.53 -25.45
C ILE B 287 -13.09 -3.33 -25.84
N THR B 288 -14.24 -2.79 -25.48
CA THR B 288 -15.51 -3.49 -25.71
C THR B 288 -16.45 -2.50 -26.39
N GLN B 289 -17.09 -2.98 -27.44
CA GLN B 289 -17.95 -2.17 -28.26
C GLN B 289 -19.34 -2.72 -28.27
N PHE B 290 -20.35 -1.85 -28.02
CA PHE B 290 -21.73 -2.25 -27.95
C PHE B 290 -22.43 -1.76 -29.21
N ILE B 291 -22.49 -2.62 -30.18
CA ILE B 291 -22.91 -2.22 -31.50
C ILE B 291 -24.42 -2.40 -31.62
N THR B 292 -25.08 -1.43 -32.27
CA THR B 292 -26.51 -1.44 -32.40
C THR B 292 -26.97 -1.57 -33.84
N GLY B 293 -28.14 -2.14 -34.00
CA GLY B 293 -28.84 -2.02 -35.30
C GLY B 293 -30.29 -1.69 -34.99
N GLY B 294 -30.83 -0.69 -35.70
CA GLY B 294 -32.17 -0.21 -35.39
C GLY B 294 -32.34 0.31 -33.98
N GLY B 295 -31.24 0.78 -33.43
CA GLY B 295 -31.15 1.34 -32.07
C GLY B 295 -31.10 0.26 -30.97
N GLY B 296 -31.04 -1.00 -31.39
CA GLY B 296 -30.94 -2.10 -30.42
C GLY B 296 -29.65 -2.86 -30.55
N LEU B 297 -29.11 -3.29 -29.42
CA LEU B 297 -27.93 -4.01 -29.42
C LEU B 297 -27.96 -5.28 -30.23
N ASN B 298 -26.95 -5.44 -31.07
CA ASN B 298 -26.86 -6.69 -31.80
C ASN B 298 -25.55 -7.38 -31.76
N GLU B 299 -24.52 -6.79 -31.13
CA GLU B 299 -23.21 -7.39 -31.06
C GLU B 299 -22.38 -6.75 -30.00
N ILE B 300 -21.67 -7.55 -29.23
CA ILE B 300 -20.65 -7.04 -28.26
C ILE B 300 -19.26 -7.47 -28.71
N ARG B 301 -18.51 -6.54 -29.29
CA ARG B 301 -17.19 -6.82 -29.84
C ARG B 301 -16.12 -6.49 -28.82
N ARG B 302 -15.02 -7.20 -28.96
CA ARG B 302 -13.87 -7.15 -28.05
C ARG B 302 -12.63 -6.92 -28.94
N ILE B 303 -11.80 -5.98 -28.56
CA ILE B 303 -10.48 -5.74 -29.15
C ILE B 303 -9.49 -5.62 -27.93
N TYR B 304 -8.24 -6.03 -28.07
CA TYR B 304 -7.24 -5.86 -27.09
C TYR B 304 -6.11 -5.01 -27.68
N GLN B 305 -5.38 -4.32 -26.80
CA GLN B 305 -4.06 -3.72 -27.18
C GLN B 305 -3.08 -4.06 -26.12
N GLN B 306 -1.86 -4.30 -26.55
CA GLN B 306 -0.81 -4.51 -25.61
C GLN B 306 0.48 -4.21 -26.31
N GLY B 307 1.36 -3.53 -25.58
CA GLY B 307 2.58 -3.03 -26.21
C GLY B 307 2.38 -2.09 -27.38
N GLY B 308 1.31 -1.30 -27.37
CA GLY B 308 0.99 -0.47 -28.51
C GLY B 308 0.46 -1.14 -29.78
N GLN B 309 0.28 -2.46 -29.75
CA GLN B 309 -0.28 -3.17 -30.88
C GLN B 309 -1.75 -3.61 -30.62
N THR B 310 -2.47 -3.70 -31.70
CA THR B 310 -3.90 -4.11 -31.68
C THR B 310 -3.97 -5.61 -31.89
N ILE B 311 -4.85 -6.25 -31.13
CA ILE B 311 -5.04 -7.70 -31.17
C ILE B 311 -6.57 -7.92 -31.27
N GLN B 312 -7.03 -8.55 -32.38
CA GLN B 312 -8.44 -8.81 -32.58
C GLN B 312 -8.80 -10.00 -31.70
N ASN B 313 -10.08 -10.05 -31.34
CA ASN B 313 -10.53 -11.13 -30.51
C ASN B 313 -10.38 -12.52 -31.21
N ALA B 314 -10.04 -13.56 -30.44
CA ALA B 314 -9.92 -14.91 -30.98
C ALA B 314 -11.29 -15.45 -31.26
N ALA B 315 -11.49 -15.96 -32.47
CA ALA B 315 -12.74 -16.58 -32.84
C ALA B 315 -12.97 -18.02 -32.30
N VAL B 316 -14.23 -18.40 -32.24
CA VAL B 316 -14.63 -19.69 -31.87
C VAL B 316 -13.86 -20.68 -32.77
N ASN B 317 -13.33 -21.74 -32.16
CA ASN B 317 -12.47 -22.73 -32.79
C ASN B 317 -12.92 -24.16 -32.57
N PHE B 318 -14.01 -24.49 -33.24
CA PHE B 318 -14.64 -25.81 -33.26
C PHE B 318 -15.03 -26.11 -34.72
N PRO B 319 -14.00 -26.28 -35.55
CA PRO B 319 -14.24 -26.46 -37.01
C PRO B 319 -15.23 -27.56 -37.33
N GLY B 320 -16.21 -27.21 -38.16
CA GLY B 320 -17.26 -28.09 -38.57
C GLY B 320 -18.36 -28.31 -37.57
N ASP B 321 -18.21 -27.80 -36.33
CA ASP B 321 -19.25 -27.87 -35.32
C ASP B 321 -19.94 -26.54 -34.99
N VAL B 322 -19.16 -25.44 -34.94
CA VAL B 322 -19.72 -24.12 -34.69
C VAL B 322 -19.03 -23.14 -35.62
N ASP B 323 -19.74 -22.14 -36.12
CA ASP B 323 -19.18 -21.10 -36.98
C ASP B 323 -18.18 -20.28 -36.17
N PRO B 324 -17.23 -19.67 -36.85
CA PRO B 324 -16.15 -18.95 -36.20
C PRO B 324 -16.58 -17.48 -35.83
N TYR B 325 -17.57 -17.42 -34.97
CA TYR B 325 -17.94 -16.17 -34.39
C TYR B 325 -16.79 -15.62 -33.62
N ASP B 326 -16.77 -14.28 -33.50
CA ASP B 326 -15.74 -13.63 -32.71
C ASP B 326 -16.23 -12.57 -31.80
N SER B 327 -17.53 -12.61 -31.45
CA SER B 327 -18.14 -11.58 -30.66
C SER B 327 -19.41 -12.21 -30.08
N ILE B 328 -20.04 -11.52 -29.15
CA ILE B 328 -21.34 -11.95 -28.63
C ILE B 328 -22.44 -11.42 -29.58
N THR B 329 -23.16 -12.33 -30.20
CA THR B 329 -24.37 -12.07 -30.94
C THR B 329 -25.45 -13.09 -30.58
N GLU B 330 -26.67 -12.85 -31.02
CA GLU B 330 -27.80 -13.78 -30.77
C GLU B 330 -27.48 -15.16 -31.36
N ASP B 331 -26.95 -15.17 -32.58
CA ASP B 331 -26.68 -16.42 -33.24
C ASP B 331 -25.54 -17.17 -32.56
N PHE B 332 -24.56 -16.44 -32.07
CA PHE B 332 -23.50 -17.09 -31.26
C PHE B 332 -24.07 -17.78 -30.06
N CYS B 333 -24.90 -17.05 -29.31
CA CYS B 333 -25.49 -17.54 -28.06
C CYS B 333 -26.25 -18.81 -28.29
N VAL B 334 -27.08 -18.76 -29.34
CA VAL B 334 -27.92 -19.90 -29.62
C VAL B 334 -27.08 -21.11 -30.01
N ASP B 335 -26.13 -20.91 -30.93
CA ASP B 335 -25.36 -21.99 -31.49
C ASP B 335 -24.38 -22.55 -30.47
N ILE B 336 -23.78 -21.67 -29.68
CA ILE B 336 -22.80 -22.19 -28.70
C ILE B 336 -23.50 -22.92 -27.57
N LYS B 337 -24.65 -22.44 -27.11
CA LYS B 337 -25.33 -23.12 -26.03
C LYS B 337 -25.83 -24.52 -26.51
N ARG B 338 -26.24 -24.62 -27.76
CA ARG B 338 -26.56 -25.93 -28.30
C ARG B 338 -25.38 -26.87 -28.35
N TYR B 339 -24.23 -26.40 -28.79
CA TYR B 339 -23.03 -27.23 -28.82
C TYR B 339 -22.57 -27.65 -27.44
N PHE B 340 -22.67 -26.74 -26.47
CA PHE B 340 -22.19 -26.95 -25.11
C PHE B 340 -23.23 -27.68 -24.26
N GLY B 341 -24.44 -27.91 -24.78
CA GLY B 341 -25.52 -28.60 -24.02
C GLY B 341 -26.02 -27.78 -22.83
N ASP B 342 -25.95 -26.45 -22.99
CA ASP B 342 -26.32 -25.48 -21.96
C ASP B 342 -27.73 -24.96 -22.22
N THR B 343 -28.55 -24.93 -21.18
CA THR B 343 -29.86 -24.30 -21.22
C THR B 343 -29.74 -22.88 -21.67
N ASN B 344 -30.56 -22.45 -22.61
CA ASN B 344 -30.42 -21.07 -23.11
C ASN B 344 -31.36 -20.20 -22.31
N ASP B 345 -30.96 -19.95 -21.06
CA ASP B 345 -31.72 -19.12 -20.15
C ASP B 345 -31.60 -17.61 -20.54
N PHE B 346 -30.51 -17.30 -21.20
CA PHE B 346 -30.36 -15.97 -21.78
C PHE B 346 -31.50 -15.57 -22.69
N ASP B 347 -31.81 -16.45 -23.62
CA ASP B 347 -32.95 -16.18 -24.46
C ASP B 347 -34.28 -16.26 -23.72
N ALA B 348 -34.42 -17.15 -22.72
CA ALA B 348 -35.66 -17.29 -21.96
C ALA B 348 -35.97 -16.06 -21.18
N LYS B 349 -34.95 -15.31 -20.75
CA LYS B 349 -35.09 -14.09 -19.98
C LYS B 349 -35.12 -12.83 -20.85
N GLY B 350 -34.97 -12.94 -22.15
CA GLY B 350 -35.15 -11.81 -23.06
C GLY B 350 -34.14 -11.66 -24.16
N GLY B 351 -33.05 -12.40 -24.06
CA GLY B 351 -32.02 -12.40 -25.07
C GLY B 351 -31.43 -11.04 -25.35
N MET B 352 -30.93 -10.87 -26.56
CA MET B 352 -30.19 -9.68 -26.91
C MET B 352 -31.08 -8.47 -26.84
N SER B 353 -32.34 -8.60 -27.21
CA SER B 353 -33.25 -7.46 -27.15
CA SER B 353 -33.25 -7.45 -27.14
C SER B 353 -33.53 -7.04 -25.69
N GLY B 354 -33.67 -8.01 -24.78
CA GLY B 354 -33.84 -7.76 -23.36
C GLY B 354 -32.57 -7.10 -22.81
N MET B 355 -31.40 -7.63 -23.24
CA MET B 355 -30.12 -7.07 -22.84
C MET B 355 -30.00 -5.62 -23.28
N SER B 356 -30.42 -5.40 -24.51
CA SER B 356 -30.41 -4.04 -25.05
C SER B 356 -31.15 -3.01 -24.22
N ASN B 357 -32.36 -3.38 -23.82
CA ASN B 357 -33.22 -2.55 -23.00
C ASN B 357 -32.61 -2.35 -21.65
N ALA B 358 -31.97 -3.35 -21.07
CA ALA B 358 -31.21 -3.11 -19.89
C ALA B 358 -30.13 -2.09 -20.03
N LEU B 359 -29.33 -2.18 -21.08
CA LEU B 359 -28.24 -1.21 -21.27
C LEU B 359 -28.82 0.17 -21.48
N LYS B 360 -29.95 0.27 -22.15
CA LYS B 360 -30.58 1.59 -22.40
C LYS B 360 -30.96 2.29 -21.14
N LYS B 361 -31.32 1.55 -20.08
CA LYS B 361 -31.77 2.15 -18.85
C LYS B 361 -30.62 2.58 -17.97
N GLY B 362 -29.38 2.22 -18.36
CA GLY B 362 -28.20 2.66 -17.60
C GLY B 362 -27.78 1.68 -16.50
N MET B 363 -26.46 1.60 -16.34
CA MET B 363 -25.84 0.61 -15.44
C MET B 363 -24.72 1.30 -14.60
N VAL B 364 -24.43 0.68 -13.49
CA VAL B 364 -23.41 1.09 -12.52
C VAL B 364 -22.18 0.27 -12.73
N LEU B 365 -21.03 0.94 -12.68
CA LEU B 365 -19.74 0.27 -12.82
C LEU B 365 -19.22 -0.28 -11.53
N VAL B 366 -18.86 -1.58 -11.50
CA VAL B 366 -18.36 -2.32 -10.38
C VAL B 366 -16.96 -2.79 -10.70
N MET B 367 -16.08 -2.76 -9.71
CA MET B 367 -14.75 -3.45 -9.78
C MET B 367 -14.62 -4.28 -8.47
N SER B 368 -14.17 -5.51 -8.60
CA SER B 368 -14.08 -6.42 -7.44
CA SER B 368 -14.10 -6.42 -7.45
C SER B 368 -12.94 -7.36 -7.59
N LEU B 369 -12.57 -7.90 -6.45
CA LEU B 369 -11.61 -9.02 -6.40
C LEU B 369 -12.13 -10.00 -5.40
N TRP B 370 -12.34 -11.24 -5.80
CA TRP B 370 -13.00 -12.21 -4.98
C TRP B 370 -12.46 -13.63 -5.33
N ASP B 371 -12.64 -14.51 -4.33
CA ASP B 371 -12.54 -15.96 -4.62
C ASP B 371 -13.95 -16.55 -4.53
N ASP B 372 -14.10 -17.82 -4.85
CA ASP B 372 -15.39 -18.38 -5.20
C ASP B 372 -15.69 -19.54 -4.26
N HIS B 373 -16.58 -19.33 -3.27
CA HIS B 373 -16.86 -20.41 -2.28
C HIS B 373 -17.88 -21.40 -2.78
N TYR B 374 -18.53 -21.12 -3.88
CA TYR B 374 -19.51 -22.05 -4.51
C TYR B 374 -18.80 -23.05 -5.41
N ALA B 375 -17.95 -22.57 -6.32
CA ALA B 375 -17.42 -23.47 -7.33
C ALA B 375 -15.93 -23.25 -7.68
N ASN B 376 -15.20 -22.62 -6.75
CA ASN B 376 -13.76 -22.55 -6.78
C ASN B 376 -13.20 -21.91 -8.09
N MET B 377 -14.04 -21.13 -8.80
CA MET B 377 -13.65 -20.42 -10.00
C MET B 377 -13.39 -21.41 -11.11
N LEU B 378 -13.81 -22.65 -10.91
CA LEU B 378 -13.46 -23.68 -11.94
C LEU B 378 -14.11 -23.42 -13.32
N TRP B 379 -15.35 -22.87 -13.29
CA TRP B 379 -16.09 -22.41 -14.39
C TRP B 379 -15.30 -21.42 -15.27
N LEU B 380 -14.36 -20.70 -14.64
CA LEU B 380 -13.55 -19.70 -15.35
C LEU B 380 -12.27 -20.28 -15.86
N ASP B 381 -11.60 -21.09 -15.08
CA ASP B 381 -10.24 -21.39 -15.40
C ASP B 381 -9.81 -22.84 -15.34
N ALA B 382 -10.72 -23.79 -15.15
CA ALA B 382 -10.36 -25.21 -15.05
C ALA B 382 -11.21 -26.04 -15.96
N THR B 383 -11.87 -27.08 -15.44
CA THR B 383 -12.86 -27.89 -16.17
C THR B 383 -14.06 -27.91 -15.26
N TYR B 384 -15.24 -27.73 -15.85
CA TYR B 384 -16.47 -27.60 -15.11
C TYR B 384 -17.64 -28.03 -15.93
N PRO B 385 -18.47 -28.95 -15.40
CA PRO B 385 -18.29 -29.71 -14.18
C PRO B 385 -16.97 -30.49 -14.26
N VAL B 386 -16.36 -30.76 -13.11
CA VAL B 386 -15.01 -31.28 -13.03
C VAL B 386 -14.87 -32.68 -13.62
N ASP B 387 -15.97 -33.39 -13.70
CA ASP B 387 -15.99 -34.76 -14.18
C ASP B 387 -16.56 -34.81 -15.60
N SER B 388 -16.80 -33.68 -16.27
CA SER B 388 -17.38 -33.73 -17.60
C SER B 388 -16.30 -33.63 -18.67
N THR B 389 -16.54 -34.37 -19.73
CA THR B 389 -15.68 -34.35 -20.89
C THR B 389 -16.45 -33.84 -22.12
N GLU B 390 -17.62 -33.35 -21.91
CA GLU B 390 -18.48 -32.83 -23.00
C GLU B 390 -17.88 -31.53 -23.52
N PRO B 391 -18.22 -31.16 -24.76
CA PRO B 391 -17.85 -29.86 -25.27
C PRO B 391 -18.26 -28.73 -24.29
N GLY B 392 -17.35 -27.79 -24.12
CA GLY B 392 -17.51 -26.63 -23.26
C GLY B 392 -17.20 -26.88 -21.81
N ALA B 393 -16.86 -28.14 -21.45
CA ALA B 393 -16.48 -28.38 -20.03
C ALA B 393 -15.12 -27.77 -19.72
N LEU B 394 -14.18 -27.92 -20.66
CA LEU B 394 -12.83 -27.38 -20.44
C LEU B 394 -12.91 -25.83 -20.52
N ARG B 395 -12.44 -25.17 -19.47
CA ARG B 395 -12.51 -23.69 -19.31
C ARG B 395 -11.15 -23.02 -19.35
N GLY B 396 -10.13 -23.66 -18.81
CA GLY B 396 -8.81 -23.02 -18.69
C GLY B 396 -7.79 -24.11 -18.34
N PRO B 397 -6.53 -23.69 -18.07
CA PRO B 397 -5.39 -24.59 -17.80
C PRO B 397 -5.26 -25.05 -16.39
N CYS B 398 -6.09 -24.55 -15.48
CA CYS B 398 -5.94 -24.86 -14.05
C CYS B 398 -6.52 -26.21 -13.69
N SER B 399 -6.00 -26.75 -12.58
CA SER B 399 -6.42 -28.01 -12.08
C SER B 399 -7.81 -27.97 -11.49
N THR B 400 -8.52 -29.08 -11.56
CA THR B 400 -9.81 -29.21 -10.94
C THR B 400 -9.71 -29.20 -9.42
N ASP B 401 -8.49 -29.30 -8.88
CA ASP B 401 -8.24 -29.14 -7.47
C ASP B 401 -7.91 -27.73 -7.07
N SER B 402 -7.90 -26.80 -8.05
CA SER B 402 -7.42 -25.45 -7.71
C SER B 402 -8.61 -24.62 -7.13
N GLY B 403 -8.26 -23.43 -6.58
CA GLY B 403 -9.25 -22.43 -6.30
C GLY B 403 -10.11 -22.58 -5.06
N ASP B 404 -9.81 -23.58 -4.20
CA ASP B 404 -10.52 -23.65 -2.94
C ASP B 404 -10.14 -22.43 -2.13
N PRO B 405 -11.13 -21.72 -1.62
CA PRO B 405 -10.77 -20.48 -0.92
C PRO B 405 -9.85 -20.63 0.25
N ALA B 406 -9.96 -21.69 1.03
CA ALA B 406 -8.99 -21.91 2.15
C ALA B 406 -7.59 -22.00 1.56
N ASP B 407 -7.44 -22.68 0.43
CA ASP B 407 -6.09 -22.81 -0.17
C ASP B 407 -5.59 -21.48 -0.68
N VAL B 408 -6.40 -20.76 -1.46
CA VAL B 408 -5.82 -19.55 -2.09
C VAL B 408 -5.57 -18.42 -1.10
N GLU B 409 -6.43 -18.34 -0.13
CA GLU B 409 -6.27 -17.31 0.94
C GLU B 409 -4.99 -17.57 1.72
N ALA B 410 -4.67 -18.84 1.95
CA ALA B 410 -3.45 -19.19 2.68
C ALA B 410 -2.22 -19.02 1.83
N ASN B 411 -2.27 -19.44 0.57
CA ASN B 411 -1.09 -19.55 -0.31
C ASN B 411 -0.78 -18.31 -1.10
N PHE B 412 -1.84 -17.55 -1.46
CA PHE B 412 -1.66 -16.37 -2.32
C PHE B 412 -2.35 -15.13 -1.73
N PRO B 413 -2.15 -14.86 -0.43
CA PRO B 413 -2.78 -13.70 0.20
C PRO B 413 -2.42 -12.35 -0.41
N GLY B 414 -1.25 -12.21 -1.02
CA GLY B 414 -0.74 -10.93 -1.56
C GLY B 414 -1.28 -10.65 -2.96
N SER B 415 -2.20 -11.45 -3.42
CA SER B 415 -2.78 -11.26 -4.76
C SER B 415 -3.44 -9.90 -4.87
N THR B 416 -3.36 -9.34 -6.05
CA THR B 416 -3.90 -8.01 -6.29
C THR B 416 -4.34 -7.93 -7.74
N VAL B 417 -5.15 -6.91 -8.03
CA VAL B 417 -5.43 -6.52 -9.40
C VAL B 417 -5.41 -5.02 -9.48
N THR B 418 -5.00 -4.49 -10.63
CA THR B 418 -4.99 -3.04 -10.88
C THR B 418 -5.76 -2.75 -12.16
N PHE B 419 -6.67 -1.82 -12.07
CA PHE B 419 -7.50 -1.38 -13.19
C PHE B 419 -7.13 0.06 -13.38
N SER B 420 -7.09 0.49 -14.61
CA SER B 420 -6.73 1.86 -14.87
C SER B 420 -7.30 2.42 -16.15
N ASN B 421 -7.22 3.74 -16.29
CA ASN B 421 -7.60 4.42 -17.53
C ASN B 421 -8.95 4.00 -18.09
N ILE B 422 -9.92 4.04 -17.22
CA ILE B 422 -11.29 3.76 -17.55
C ILE B 422 -11.78 4.87 -18.50
N LYS B 423 -12.40 4.46 -19.58
CA LYS B 423 -12.82 5.36 -20.63
C LYS B 423 -14.07 4.93 -21.37
N ILE B 424 -14.90 5.89 -21.70
CA ILE B 424 -16.06 5.64 -22.60
C ILE B 424 -16.07 6.70 -23.62
N GLY B 425 -16.43 6.32 -24.84
CA GLY B 425 -16.45 7.30 -25.97
C GLY B 425 -17.07 6.59 -27.16
N PRO B 426 -17.06 7.25 -28.30
CA PRO B 426 -17.60 6.68 -29.55
C PRO B 426 -16.83 5.43 -30.01
N ILE B 427 -17.52 4.54 -30.70
CA ILE B 427 -16.96 3.33 -31.23
C ILE B 427 -15.92 3.73 -32.29
N GLN B 428 -14.70 3.24 -32.11
CA GLN B 428 -13.58 3.52 -32.96
C GLN B 428 -13.33 2.34 -33.87
N SER B 429 -12.58 2.56 -34.93
CA SER B 429 -12.28 1.49 -35.85
C SER B 429 -10.86 0.96 -35.58
N TYR B 430 -10.75 -0.35 -35.61
CA TYR B 430 -9.52 -1.01 -35.27
C TYR B 430 -8.94 -1.82 -36.43
N ASP B 431 -7.70 -1.50 -36.77
CA ASP B 431 -6.92 -2.21 -37.77
C ASP B 431 -5.53 -2.49 -37.23
C2 BGC C . 21.16 22.68 13.23
C3 BGC C . 21.43 21.30 12.64
C4 BGC C . 20.39 20.96 11.66
C5 BGC C . 20.16 22.10 10.66
C6 BGC C . 18.88 22.01 9.82
C1 BGC C . 21.03 23.65 12.12
O1 BGC C . 20.75 24.96 12.58
O2 BGC C . 22.19 23.14 14.02
O3 BGC C . 21.34 20.18 13.53
O4 BGC C . 20.82 19.77 11.15
O5 BGC C . 19.85 23.29 11.36
O6 BGC C . 17.71 21.93 10.65
C2 BGC C . 20.58 17.61 10.36
C3 BGC C . 19.76 16.32 10.47
C4 BGC C . 20.11 15.63 11.79
C5 BGC C . 19.96 16.72 12.88
C6 BGC C . 20.43 16.36 14.23
C1 BGC C . 20.22 18.52 11.47
O2 BGC C . 20.08 18.44 9.34
O3 BGC C . 19.77 15.47 9.27
O4 BGC C . 19.24 14.45 12.04
O5 BGC C . 20.64 17.94 12.66
O6 BGC C . 21.81 16.19 14.12
C2 BGC D . -21.64 -22.34 -14.40
C3 BGC D . -21.90 -20.86 -14.11
C4 BGC D . -21.17 -20.03 -15.14
C5 BGC D . -21.39 -20.53 -16.57
C6 BGC D . -20.43 -19.93 -17.61
C1 BGC D . -21.91 -22.62 -15.86
O1 BGC D . -21.63 -23.97 -16.30
O2 BGC D . -22.49 -23.15 -13.66
O3 BGC D . -21.47 -20.34 -12.84
O4 BGC D . -21.51 -18.70 -14.94
O5 BGC D . -21.02 -21.84 -16.71
O6 BGC D . -19.09 -20.21 -17.23
C2 BGC D . -21.31 -16.48 -14.57
C3 BGC D . -20.37 -15.37 -14.12
C4 BGC D . -20.40 -15.43 -12.60
C5 BGC D . -20.08 -16.90 -12.21
C6 BGC D . -20.14 -17.11 -10.76
C1 BGC D . -20.76 -17.81 -14.13
O2 BGC D . -21.36 -16.70 -15.98
O3 BGC D . -20.60 -14.10 -14.92
O4 BGC D . -19.41 -14.48 -12.00
O5 BGC D . -20.99 -17.85 -12.72
O6 BGC D . -21.49 -17.27 -10.43
CA CA E . 43.37 20.57 13.49
CA CA F . 45.63 7.34 21.98
CA CA G . 42.77 -12.87 23.79
CA CA H . 18.26 31.38 11.13
C TRS I . 22.28 33.70 10.95
C TRS I . 22.31 34.57 10.76
C1 TRS I . 21.37 32.65 10.31
C1 TRS I . 21.91 33.43 11.68
C2 TRS I . 22.20 33.56 12.41
C2 TRS I . 22.57 35.81 11.61
C3 TRS I . 21.91 35.01 10.29
C3 TRS I . 21.20 34.73 9.72
N TRS I . 23.70 33.42 10.68
N TRS I . 23.62 34.22 10.17
O1 TRS I . 21.64 31.47 10.94
O1 TRS I . 22.76 33.19 12.82
O2 TRS I . 23.49 32.98 12.78
O2 TRS I . 22.25 35.41 12.95
O3 TRS I . 20.82 34.67 9.46
O3 TRS I . 21.15 35.89 8.82
CA CA J . -1.42 -5.65 0.83
#